data_9GMR
#
_entry.id   9GMR
#
_cell.length_a   1.00
_cell.length_b   1.00
_cell.length_c   1.00
_cell.angle_alpha   90.00
_cell.angle_beta   90.00
_cell.angle_gamma   90.00
#
_symmetry.space_group_name_H-M   'P 1'
#
loop_
_entity.id
_entity.type
_entity.pdbx_description
1 polymer 'Histone H3.2'
2 polymer 'Histone H4'
3 polymer 'Histone H2A type 2-A'
4 polymer 'Histone H2B type 1-J'
5 polymer 'DNA (149-MER)'
6 polymer 'DNA (149-MER)'
7 polymer 'NAD-dependent protein deacetylase sirtuin-7'
8 non-polymer '[[(2~{R},3~{a}~{R},5~{R},6~{R},6~{a}~{R})-2-(methylamino)-6-oxidanyl-2-(propylamino)-3~{a},5,6,6~{a}-tetrahydrofuro[2,3-d][1,3]oxathiol-5-yl]methoxy-oxidanyl-phosphoryl] [(2~{R},3~{S},4~{R},5~{R})-5-(6-aminopurin-9-yl)-3,4-bis(oxidanyl)oxolan-2-yl]methyl hydrogen phosphate'
9 non-polymer 'ZINC ION'
#
loop_
_entity_poly.entity_id
_entity_poly.type
_entity_poly.pdbx_seq_one_letter_code
_entity_poly.pdbx_strand_id
1 'polypeptide(L)'
;MARTKQTARKSTGGKAPRKQLATKAARKSAPATGGVKKPHRYRPGTVCLREIRRYQKSTELLIRKLPFQRLVREIAQDFK
TDLRFQSSAVMALQEASEAYLVGLFEDTNLAAIHAKRVTIMPKDIQLARRIRGERA
;
A,E
2 'polypeptide(L)'
;MSGRGKGGKGLGKGGAKRHRKVLRDNIQGITKPAIRRLARRGGVKRISGLIYEETRGVLKVFLENVIRDAVTYTEHAKRK
TVTAMDVVYALKRQGRTLYGFGG
;
B,F
3 'polypeptide(L)'
;SGRGKQGGKARAKAKSRSSRAGLQFPVGRVHRLLRKGNYAERVGAGAPVYMAAVLEYLTAEILELAGNAARDNKKTRIIP
RHLQLAIRNDEELNKLLGKVTIAQGGVLPNIQAVLLPKKTESHHKAKGK
;
C,G
4 'polypeptide(L)'
;MPEPAKSAPAPKKGSKKAVTKAQKKDGKKRKKSRKESYSIYVYKVLKQVHPDTGISSKAMGIMNSFVNDIFERIAGEASR
LAHYNKRSTITSREIQTAVRLLLPGELAKHAVSEGTKAVTKYTSAK
;
D,H
5 'polydeoxyribonucleotide'
;(DA)(DG)(DA)(DA)(DT)(DC)(DC)(DC)(DG)(DG)(DT)(DG)(DC)(DC)(DG)(DA)(DG)(DG)(DC)(DC)
(DG)(DC)(DT)(DC)(DA)(DA)(DT)(DT)(DG)(DG)(DT)(DC)(DG)(DT)(DA)(DG)(DA)(DC)(DA)(DG)
(DC)(DT)(DC)(DT)(DA)(DG)(DC)(DA)(DC)(DC)(DG)(DC)(DT)(DT)(DA)(DA)(DA)(DC)(DG)(DC)
(DA)(DC)(DG)(DT)(DA)(DC)(DG)(DC)(DG)(DC)(DT)(DG)(DT)(DC)(DC)(DC)(DC)(DC)(DG)(DC)
(DG)(DT)(DT)(DT)(DT)(DA)(DA)(DC)(DC)(DG)(DC)(DC)(DA)(DA)(DG)(DG)(DG)(DG)(DA)(DT)
(DT)(DA)(DC)(DT)(DC)(DC)(DC)(DT)(DA)(DG)(DT)(DC)(DT)(DC)(DC)(DA)(DG)(DG)(DC)(DA)
(DC)(DG)(DT)(DG)(DT)(DC)(DA)(DG)(DA)(DT)(DA)(DT)(DA)(DT)(DA)(DC)(DA)(DA)(DG)(DA)
(DT)(DC)(DC)(DC)(DC)(DT)(DT)(DA)(DC)
;
I
6 'polydeoxyribonucleotide'
;(DG)(DT)(DA)(DA)(DG)(DG)(DG)(DG)(DA)(DT)(DC)(DT)(DT)(DG)(DT)(DA)(DT)(DA)(DT)(DA)
(DT)(DC)(DT)(DG)(DA)(DC)(DA)(DC)(DG)(DT)(DG)(DC)(DC)(DT)(DG)(DG)(DA)(DG)(DA)(DC)
(DT)(DA)(DG)(DG)(DG)(DA)(DG)(DT)(DA)(DA)(DT)(DC)(DC)(DC)(DC)(DT)(DT)(DG)(DG)(DC)
(DG)(DG)(DT)(DT)(DA)(DA)(DA)(DA)(DC)(DG)(DC)(DG)(DG)(DG)(DG)(DG)(DA)(DC)(DA)(DG)
(DC)(DG)(DC)(DG)(DT)(DA)(DC)(DG)(DT)(DG)(DC)(DG)(DT)(DT)(DT)(DA)(DA)(DG)(DC)(DG)
(DG)(DT)(DG)(DC)(DT)(DA)(DG)(DA)(DG)(DC)(DT)(DG)(DT)(DC)(DT)(DA)(DC)(DG)(DA)(DC)
(DC)(DA)(DA)(DT)(DT)(DG)(DA)(DG)(DC)(DG)(DG)(DC)(DC)(DT)(DC)(DG)(DG)(DC)(DA)(DC)
(DC)(DG)(DG)(DG)(DA)(DT)(DT)(DC)(DT)
;
J
7 'polypeptide(L)'
;GMAAGGLSRSERKAAERVRRLREEQQRERLRQVSRILRKAAAERSAEEGRLLAESADLVTELQGRSRRREGLKRRQEEVC
DDPEELRGKVRELASAVRNAKYLVVYTGAGISTAASIPDYRGPNGVWTLLQKGRSVSAADLSEAEPTLTHMSITRLHEQK
LVQHVVSQNCDGLHLRSGLPRTAISELHGNMYIEVCTSCVPNREYVRVFDVTERTALHRHQTGRTCHKCGTQLRDTIVHF
GERGTLGQPLNWEAATEAASRADTILCLGSSLKVLKKYPRLWCMTKPPSRRPKLYIVNLQWTPKDDWAALKLHGKCDDVM
RLLMAELGLEIPAYSRWQDPIFSLATPLRAGEEGSHSRKSLCRSREEAPPGDRGAPLSSAPILGGWFGRGCTKRTKRKKV
T
;
K
#
# COMPACT_ATOMS: atom_id res chain seq x y z
N VAL A 36 7.38 -14.95 38.69
CA VAL A 36 7.46 -14.54 37.29
C VAL A 36 8.61 -13.55 37.10
N LYS A 37 9.44 -13.79 36.10
CA LYS A 37 10.55 -12.91 35.74
C LYS A 37 10.11 -12.10 34.52
N LYS A 38 9.55 -10.92 34.76
CA LYS A 38 8.91 -10.15 33.70
C LYS A 38 9.96 -9.33 32.95
N PRO A 39 10.17 -9.57 31.66
CA PRO A 39 11.09 -8.73 30.89
C PRO A 39 10.38 -7.58 30.21
N HIS A 40 11.12 -6.73 29.51
CA HIS A 40 10.50 -5.66 28.73
C HIS A 40 9.67 -6.26 27.60
N ARG A 41 8.52 -5.64 27.33
CA ARG A 41 7.62 -6.14 26.31
C ARG A 41 6.73 -5.00 25.84
N TYR A 42 6.70 -4.78 24.52
CA TYR A 42 5.86 -3.74 23.95
C TYR A 42 4.41 -4.22 23.84
N ARG A 43 3.49 -3.29 24.02
CA ARG A 43 2.07 -3.62 23.92
C ARG A 43 1.69 -3.91 22.47
N PRO A 44 0.69 -4.77 22.25
CA PRO A 44 0.32 -5.12 20.87
C PRO A 44 -0.22 -3.94 20.08
N GLY A 45 0.54 -3.50 19.08
CA GLY A 45 0.15 -2.37 18.27
C GLY A 45 1.28 -1.39 18.04
N THR A 46 2.28 -1.40 18.93
CA THR A 46 3.41 -0.50 18.77
C THR A 46 4.30 -0.91 17.60
N VAL A 47 4.65 -2.20 17.55
CA VAL A 47 5.57 -2.68 16.47
C VAL A 47 4.85 -2.58 15.13
N CYS A 48 3.52 -2.72 15.12
CA CYS A 48 2.74 -2.62 13.86
C CYS A 48 2.89 -1.22 13.27
N LEU A 49 2.86 -0.18 14.12
CA LEU A 49 2.97 1.22 13.65
C LEU A 49 4.43 1.52 13.30
N ARG A 50 5.37 0.95 14.05
CA ARG A 50 6.79 1.08 13.72
C ARG A 50 7.09 0.49 12.34
N GLU A 51 6.56 -0.69 12.05
CA GLU A 51 6.74 -1.31 10.74
C GLU A 51 6.06 -0.48 9.64
N ILE A 52 4.89 0.08 9.93
CA ILE A 52 4.22 0.93 8.95
C ILE A 52 5.13 2.07 8.54
N ARG A 53 5.72 2.75 9.52
CA ARG A 53 6.62 3.85 9.21
C ARG A 53 7.85 3.36 8.45
N ARG A 54 8.43 2.23 8.89
CA ARG A 54 9.65 1.74 8.25
C ARG A 54 9.41 1.41 6.78
N TYR A 55 8.32 0.74 6.45
CA TYR A 55 8.05 0.34 5.07
C TYR A 55 7.37 1.43 4.27
N GLN A 56 6.90 2.51 4.89
CA GLN A 56 6.45 3.65 4.13
C GLN A 56 7.54 4.67 3.88
N LYS A 57 8.70 4.54 4.54
CA LYS A 57 9.82 5.42 4.27
C LYS A 57 10.82 4.85 3.27
N SER A 58 10.55 3.68 2.70
CA SER A 58 11.49 3.00 1.81
C SER A 58 10.90 2.88 0.42
N THR A 59 11.74 2.41 -0.52
CA THR A 59 11.34 2.22 -1.91
C THR A 59 11.64 0.84 -2.47
N GLU A 60 12.28 -0.04 -1.69
CA GLU A 60 12.76 -1.32 -2.20
C GLU A 60 11.58 -2.25 -2.50
N LEU A 61 11.91 -3.42 -3.06
CA LEU A 61 10.92 -4.45 -3.37
C LEU A 61 10.74 -5.38 -2.18
N LEU A 62 9.52 -5.85 -1.99
CA LEU A 62 9.13 -6.60 -0.79
C LEU A 62 8.84 -8.07 -1.07
N ILE A 63 9.17 -8.57 -2.26
CA ILE A 63 9.00 -9.97 -2.60
C ILE A 63 10.32 -10.51 -3.11
N ARG A 64 10.69 -11.70 -2.65
CA ARG A 64 11.92 -12.33 -3.10
C ARG A 64 11.84 -12.68 -4.58
N LYS A 65 12.96 -12.52 -5.28
CA LYS A 65 12.94 -12.55 -6.74
C LYS A 65 12.77 -13.95 -7.31
N LEU A 66 13.48 -14.93 -6.75
CA LEU A 66 13.42 -16.29 -7.31
C LEU A 66 12.02 -16.89 -7.30
N PRO A 67 11.28 -16.87 -6.18
CA PRO A 67 9.91 -17.40 -6.24
C PRO A 67 9.00 -16.67 -7.21
N PHE A 68 9.14 -15.34 -7.33
CA PHE A 68 8.31 -14.60 -8.27
C PHE A 68 8.62 -15.00 -9.71
N GLN A 69 9.91 -15.15 -10.04
CA GLN A 69 10.28 -15.57 -11.38
C GLN A 69 9.76 -16.97 -11.68
N ARG A 70 9.87 -17.88 -10.71
CA ARG A 70 9.34 -19.22 -10.89
C ARG A 70 7.83 -19.19 -11.15
N LEU A 71 7.10 -18.38 -10.39
CA LEU A 71 5.66 -18.28 -10.59
C LEU A 71 5.32 -17.72 -11.95
N VAL A 72 6.08 -16.71 -12.40
CA VAL A 72 5.82 -16.10 -13.70
C VAL A 72 6.02 -17.11 -14.82
N ARG A 73 7.12 -17.87 -14.75
CA ARG A 73 7.37 -18.88 -15.78
C ARG A 73 6.29 -19.98 -15.75
N GLU A 74 5.89 -20.40 -14.55
CA GLU A 74 4.86 -21.43 -14.44
C GLU A 74 3.55 -20.96 -15.06
N ILE A 75 3.18 -19.70 -14.82
CA ILE A 75 1.98 -19.17 -15.44
C ILE A 75 2.14 -19.10 -16.95
N ALA A 76 3.33 -18.70 -17.42
CA ALA A 76 3.55 -18.51 -18.85
C ALA A 76 3.49 -19.81 -19.62
N GLN A 77 3.91 -20.93 -19.01
CA GLN A 77 3.99 -22.19 -19.74
C GLN A 77 2.64 -22.73 -20.19
N ASP A 78 1.53 -22.03 -19.94
CA ASP A 78 0.22 -22.47 -20.38
C ASP A 78 -0.26 -21.74 -21.63
N PHE A 79 0.60 -20.95 -22.27
CA PHE A 79 0.30 -20.29 -23.52
C PHE A 79 1.30 -20.60 -24.62
N LYS A 80 2.55 -20.89 -24.28
CA LYS A 80 3.59 -21.22 -25.24
C LYS A 80 4.66 -22.03 -24.54
N THR A 81 5.20 -23.02 -25.24
CA THR A 81 6.18 -23.93 -24.66
C THR A 81 7.60 -23.47 -24.99
N ASP A 82 8.49 -23.66 -24.03
CA ASP A 82 9.92 -23.32 -24.17
C ASP A 82 10.10 -21.84 -24.52
N LEU A 83 9.62 -20.99 -23.62
CA LEU A 83 9.74 -19.55 -23.78
C LEU A 83 10.94 -19.03 -23.01
N ARG A 84 11.44 -17.88 -23.44
CA ARG A 84 12.56 -17.22 -22.81
C ARG A 84 12.16 -15.83 -22.34
N PHE A 85 12.72 -15.41 -21.22
CA PHE A 85 12.37 -14.14 -20.60
C PHE A 85 13.60 -13.29 -20.38
N GLN A 86 13.49 -12.01 -20.70
CA GLN A 86 14.53 -11.05 -20.34
C GLN A 86 14.42 -10.69 -18.86
N SER A 87 15.55 -10.32 -18.27
CA SER A 87 15.55 -9.95 -16.86
C SER A 87 14.70 -8.70 -16.62
N SER A 88 14.78 -7.73 -17.55
CA SER A 88 13.98 -6.51 -17.40
C SER A 88 12.48 -6.81 -17.48
N ALA A 89 12.10 -7.85 -18.21
CA ALA A 89 10.69 -8.21 -18.27
C ALA A 89 10.17 -8.66 -16.91
N VAL A 90 10.94 -9.50 -16.22
CA VAL A 90 10.54 -9.96 -14.89
C VAL A 90 10.57 -8.81 -13.90
N MET A 91 11.55 -7.92 -14.02
CA MET A 91 11.59 -6.77 -13.12
C MET A 91 10.37 -5.87 -13.31
N ALA A 92 9.97 -5.62 -14.56
CA ALA A 92 8.79 -4.81 -14.82
C ALA A 92 7.54 -5.48 -14.26
N LEU A 93 7.42 -6.80 -14.45
CA LEU A 93 6.26 -7.51 -13.92
C LEU A 93 6.19 -7.39 -12.40
N GLN A 94 7.32 -7.54 -11.72
CA GLN A 94 7.33 -7.42 -10.27
C GLN A 94 6.92 -6.02 -9.82
N GLU A 95 7.44 -4.99 -10.47
CA GLU A 95 7.08 -3.63 -10.10
C GLU A 95 5.59 -3.40 -10.24
N ALA A 96 5.02 -3.82 -11.37
CA ALA A 96 3.59 -3.63 -11.58
C ALA A 96 2.76 -4.37 -10.54
N SER A 97 3.12 -5.62 -10.25
CA SER A 97 2.35 -6.41 -9.29
C SER A 97 2.40 -5.79 -7.89
N GLU A 98 3.57 -5.34 -7.45
CA GLU A 98 3.68 -4.75 -6.12
C GLU A 98 2.86 -3.48 -6.02
N ALA A 99 2.92 -2.62 -7.05
CA ALA A 99 2.10 -1.41 -7.02
C ALA A 99 0.62 -1.75 -6.94
N TYR A 100 0.17 -2.74 -7.71
CA TYR A 100 -1.23 -3.14 -7.69
C TYR A 100 -1.65 -3.59 -6.30
N LEU A 101 -0.84 -4.45 -5.68
CA LEU A 101 -1.21 -4.99 -4.37
C LEU A 101 -1.23 -3.91 -3.30
N VAL A 102 -0.30 -2.95 -3.36
CA VAL A 102 -0.29 -1.87 -2.37
C VAL A 102 -1.56 -1.03 -2.49
N GLY A 103 -1.94 -0.67 -3.72
CA GLY A 103 -3.16 0.09 -3.89
C GLY A 103 -4.40 -0.65 -3.41
N LEU A 104 -4.48 -1.95 -3.72
CA LEU A 104 -5.60 -2.76 -3.28
C LEU A 104 -5.68 -2.81 -1.75
N PHE A 105 -4.52 -2.93 -1.08
CA PHE A 105 -4.54 -2.97 0.38
C PHE A 105 -4.96 -1.63 0.98
N GLU A 106 -4.59 -0.52 0.35
CA GLU A 106 -5.08 0.77 0.84
C GLU A 106 -6.61 0.85 0.77
N ASP A 107 -7.18 0.44 -0.37
CA ASP A 107 -8.64 0.45 -0.49
C ASP A 107 -9.29 -0.49 0.53
N THR A 108 -8.68 -1.65 0.75
CA THR A 108 -9.21 -2.61 1.73
C THR A 108 -9.20 -2.02 3.14
N ASN A 109 -8.13 -1.31 3.49
CA ASN A 109 -8.06 -0.68 4.81
C ASN A 109 -9.16 0.37 4.99
N LEU A 110 -9.40 1.16 3.94
CA LEU A 110 -10.51 2.13 4.02
C LEU A 110 -11.83 1.41 4.25
N ALA A 111 -12.08 0.33 3.50
CA ALA A 111 -13.33 -0.42 3.66
C ALA A 111 -13.46 -0.98 5.07
N ALA A 112 -12.36 -1.50 5.63
CA ALA A 112 -12.39 -2.05 6.98
C ALA A 112 -12.70 -0.97 8.02
N ILE A 113 -12.10 0.21 7.86
CA ILE A 113 -12.39 1.31 8.78
C ILE A 113 -13.86 1.70 8.71
N HIS A 114 -14.45 1.68 7.50
CA HIS A 114 -15.84 2.10 7.35
C HIS A 114 -16.79 1.33 8.25
N ALA A 115 -16.51 0.06 8.51
CA ALA A 115 -17.39 -0.80 9.29
C ALA A 115 -17.02 -0.86 10.76
N LYS A 116 -16.32 0.15 11.27
CA LYS A 116 -15.98 0.27 12.69
C LYS A 116 -15.10 -0.88 13.17
N ARG A 117 -14.15 -1.28 12.34
CA ARG A 117 -13.19 -2.34 12.68
C ARG A 117 -11.78 -1.83 12.48
N VAL A 118 -10.82 -2.64 12.91
CA VAL A 118 -9.40 -2.32 12.76
C VAL A 118 -8.74 -3.38 11.89
N THR A 119 -9.25 -4.61 11.97
CA THR A 119 -8.70 -5.72 11.20
C THR A 119 -9.32 -5.77 9.81
N ILE A 120 -8.51 -6.20 8.85
CA ILE A 120 -8.97 -6.38 7.47
C ILE A 120 -9.31 -7.86 7.27
N MET A 121 -10.44 -8.10 6.62
CA MET A 121 -10.99 -9.43 6.42
C MET A 121 -11.35 -9.60 4.95
N PRO A 122 -11.50 -10.85 4.47
CA PRO A 122 -11.69 -11.06 3.03
C PRO A 122 -12.87 -10.32 2.42
N LYS A 123 -13.96 -10.13 3.17
CA LYS A 123 -15.11 -9.42 2.63
C LYS A 123 -14.76 -7.97 2.31
N ASP A 124 -13.81 -7.38 3.05
CA ASP A 124 -13.33 -6.05 2.70
C ASP A 124 -12.68 -6.04 1.32
N ILE A 125 -11.84 -7.04 1.03
CA ILE A 125 -11.21 -7.14 -0.27
C ILE A 125 -12.26 -7.33 -1.37
N GLN A 126 -13.25 -8.18 -1.10
CA GLN A 126 -14.28 -8.42 -2.10
C GLN A 126 -15.09 -7.16 -2.38
N LEU A 127 -15.44 -6.40 -1.34
CA LEU A 127 -16.17 -5.15 -1.56
C LEU A 127 -15.32 -4.13 -2.32
N ALA A 128 -14.03 -4.03 -1.99
CA ALA A 128 -13.15 -3.10 -2.69
C ALA A 128 -13.09 -3.45 -4.17
N ARG A 129 -12.92 -4.74 -4.48
CA ARG A 129 -12.84 -5.14 -5.89
C ARG A 129 -14.16 -4.96 -6.60
N ARG A 130 -15.29 -5.18 -5.91
CA ARG A 130 -16.59 -5.02 -6.56
C ARG A 130 -16.88 -3.56 -6.87
N ILE A 131 -16.57 -2.64 -5.95
CA ILE A 131 -16.80 -1.23 -6.21
C ILE A 131 -15.81 -0.71 -7.25
N ARG A 132 -14.56 -1.18 -7.21
CA ARG A 132 -13.54 -0.71 -8.15
C ARG A 132 -13.95 -0.95 -9.59
N GLY A 133 -14.67 -2.03 -9.86
CA GLY A 133 -15.03 -2.42 -11.22
C GLY A 133 -14.45 -3.74 -11.67
N GLU A 134 -13.66 -4.42 -10.84
CA GLU A 134 -13.07 -5.70 -11.20
C GLU A 134 -14.10 -6.80 -11.06
N ARG A 135 -13.65 -8.05 -11.08
CA ARG A 135 -14.52 -9.23 -10.97
C ARG A 135 -15.52 -9.27 -12.12
N LYS B 21 12.38 -30.43 -16.49
CA LYS B 21 11.68 -30.09 -15.27
C LYS B 21 10.56 -29.08 -15.54
N VAL B 22 9.37 -29.39 -15.02
CA VAL B 22 8.20 -28.53 -15.19
C VAL B 22 7.88 -27.87 -13.86
N LEU B 23 7.39 -26.64 -13.91
CA LEU B 23 7.07 -25.91 -12.70
C LEU B 23 5.67 -26.26 -12.20
N ARG B 24 5.52 -26.39 -10.89
CA ARG B 24 4.26 -26.81 -10.31
C ARG B 24 4.13 -26.26 -8.90
N ASP B 25 3.01 -25.58 -8.64
CA ASP B 25 2.65 -25.08 -7.31
C ASP B 25 3.73 -24.17 -6.74
N ASN B 26 3.94 -23.04 -7.42
CA ASN B 26 4.90 -22.04 -6.98
C ASN B 26 4.24 -20.83 -6.33
N ILE B 27 2.90 -20.78 -6.29
CA ILE B 27 2.21 -19.68 -5.63
C ILE B 27 2.50 -19.66 -4.14
N GLN B 28 2.87 -20.81 -3.56
CA GLN B 28 3.27 -20.87 -2.17
C GLN B 28 4.60 -20.18 -1.91
N GLY B 29 5.34 -19.81 -2.96
CA GLY B 29 6.57 -19.06 -2.77
C GLY B 29 6.37 -17.62 -2.39
N ILE B 30 5.14 -17.11 -2.52
CA ILE B 30 4.78 -15.78 -2.03
C ILE B 30 4.35 -15.98 -0.57
N THR B 31 5.26 -15.66 0.35
CA THR B 31 5.09 -16.09 1.73
C THR B 31 4.22 -15.11 2.50
N LYS B 32 3.79 -15.56 3.69
CA LYS B 32 2.98 -14.71 4.56
C LYS B 32 3.70 -13.45 5.03
N PRO B 33 4.97 -13.49 5.46
CA PRO B 33 5.64 -12.23 5.80
C PRO B 33 5.73 -11.24 4.64
N ALA B 34 5.85 -11.71 3.40
CA ALA B 34 5.86 -10.79 2.27
C ALA B 34 4.54 -10.06 2.13
N ILE B 35 3.43 -10.79 2.29
CA ILE B 35 2.12 -10.18 2.25
C ILE B 35 1.96 -9.18 3.39
N ARG B 36 2.51 -9.51 4.56
CA ARG B 36 2.44 -8.56 5.68
C ARG B 36 3.23 -7.30 5.39
N ARG B 37 4.41 -7.42 4.75
CA ARG B 37 5.18 -6.24 4.37
C ARG B 37 4.42 -5.37 3.38
N LEU B 38 3.79 -5.99 2.38
CA LEU B 38 2.98 -5.22 1.44
C LEU B 38 1.83 -4.52 2.15
N ALA B 39 1.19 -5.21 3.09
CA ALA B 39 0.09 -4.60 3.84
C ALA B 39 0.57 -3.42 4.68
N ARG B 40 1.72 -3.57 5.33
CA ARG B 40 2.26 -2.47 6.13
C ARG B 40 2.59 -1.26 5.27
N ARG B 41 3.16 -1.48 4.08
CA ARG B 41 3.35 -0.36 3.17
C ARG B 41 2.02 0.24 2.75
N GLY B 42 0.96 -0.57 2.71
CA GLY B 42 -0.36 -0.04 2.44
C GLY B 42 -1.05 0.64 3.61
N GLY B 43 -0.46 0.56 4.81
CA GLY B 43 -1.02 1.23 5.97
C GLY B 43 -1.93 0.38 6.83
N VAL B 44 -1.77 -0.94 6.81
CA VAL B 44 -2.67 -1.86 7.51
C VAL B 44 -2.04 -2.25 8.84
N LYS B 45 -2.83 -2.16 9.92
CA LYS B 45 -2.35 -2.41 11.27
C LYS B 45 -2.64 -3.81 11.78
N ARG B 46 -3.81 -4.37 11.47
CA ARG B 46 -4.20 -5.70 11.91
C ARG B 46 -4.74 -6.50 10.74
N ILE B 47 -4.37 -7.77 10.67
CA ILE B 47 -4.67 -8.62 9.53
C ILE B 47 -5.35 -9.90 10.02
N SER B 48 -6.42 -10.29 9.35
CA SER B 48 -7.08 -11.55 9.67
C SER B 48 -6.22 -12.72 9.22
N GLY B 49 -6.74 -13.93 9.41
CA GLY B 49 -5.97 -15.12 9.11
C GLY B 49 -6.25 -15.73 7.76
N LEU B 50 -7.32 -15.28 7.09
CA LEU B 50 -7.73 -15.80 5.80
C LEU B 50 -7.36 -14.88 4.66
N ILE B 51 -6.59 -13.81 4.93
CA ILE B 51 -6.28 -12.83 3.91
C ILE B 51 -5.27 -13.37 2.89
N TYR B 52 -4.38 -14.26 3.33
CA TYR B 52 -3.28 -14.70 2.47
C TYR B 52 -3.77 -15.42 1.22
N GLU B 53 -4.77 -16.31 1.38
CA GLU B 53 -5.29 -17.04 0.22
C GLU B 53 -5.98 -16.09 -0.77
N GLU B 54 -6.74 -15.12 -0.25
CA GLU B 54 -7.39 -14.15 -1.12
C GLU B 54 -6.35 -13.34 -1.89
N THR B 55 -5.29 -12.92 -1.22
CA THR B 55 -4.22 -12.18 -1.89
C THR B 55 -3.58 -13.02 -2.97
N ARG B 56 -3.34 -14.30 -2.70
CA ARG B 56 -2.74 -15.18 -3.70
C ARG B 56 -3.63 -15.33 -4.92
N GLY B 57 -4.94 -15.48 -4.71
CA GLY B 57 -5.84 -15.59 -5.84
C GLY B 57 -5.87 -14.33 -6.70
N VAL B 58 -5.93 -13.17 -6.05
CA VAL B 58 -5.96 -11.91 -6.80
C VAL B 58 -4.67 -11.72 -7.60
N LEU B 59 -3.52 -12.00 -6.97
CA LEU B 59 -2.25 -11.88 -7.67
C LEU B 59 -2.18 -12.83 -8.86
N LYS B 60 -2.66 -14.06 -8.68
CA LYS B 60 -2.65 -15.02 -9.78
C LYS B 60 -3.47 -14.53 -10.96
N VAL B 61 -4.66 -13.98 -10.70
CA VAL B 61 -5.50 -13.50 -11.80
C VAL B 61 -4.80 -12.36 -12.55
N PHE B 62 -4.26 -11.39 -11.80
CA PHE B 62 -3.59 -10.25 -12.42
C PHE B 62 -2.44 -10.71 -13.31
N LEU B 63 -1.58 -11.58 -12.78
CA LEU B 63 -0.44 -12.07 -13.55
C LEU B 63 -0.89 -12.85 -14.78
N GLU B 64 -1.94 -13.65 -14.64
CA GLU B 64 -2.46 -14.40 -15.80
C GLU B 64 -2.79 -13.45 -16.94
N ASN B 65 -3.57 -12.41 -16.64
CA ASN B 65 -3.98 -11.48 -17.70
C ASN B 65 -2.78 -10.81 -18.35
N VAL B 66 -1.86 -10.27 -17.53
CA VAL B 66 -0.75 -9.52 -18.08
C VAL B 66 0.14 -10.41 -18.94
N ILE B 67 0.45 -11.62 -18.45
CA ILE B 67 1.34 -12.50 -19.20
C ILE B 67 0.69 -12.99 -20.48
N ARG B 68 -0.63 -13.22 -20.48
CA ARG B 68 -1.29 -13.60 -21.73
C ARG B 68 -1.15 -12.52 -22.78
N ASP B 69 -1.39 -11.25 -22.39
CA ASP B 69 -1.24 -10.17 -23.36
C ASP B 69 0.19 -10.03 -23.86
N ALA B 70 1.17 -10.14 -22.95
CA ALA B 70 2.57 -10.02 -23.34
C ALA B 70 2.98 -11.14 -24.30
N VAL B 71 2.49 -12.35 -24.06
CA VAL B 71 2.82 -13.48 -24.93
C VAL B 71 2.23 -13.26 -26.31
N THR B 72 1.00 -12.72 -26.39
CA THR B 72 0.44 -12.42 -27.70
C THR B 72 1.31 -11.41 -28.45
N TYR B 73 1.73 -10.35 -27.75
CA TYR B 73 2.59 -9.34 -28.39
C TYR B 73 3.89 -9.94 -28.90
N THR B 74 4.53 -10.81 -28.09
CA THR B 74 5.80 -11.39 -28.50
C THR B 74 5.63 -12.45 -29.58
N GLU B 75 4.44 -13.03 -29.71
CA GLU B 75 4.22 -14.04 -30.74
C GLU B 75 3.87 -13.42 -32.08
N HIS B 76 3.29 -12.22 -32.08
CA HIS B 76 3.02 -11.56 -33.36
C HIS B 76 4.31 -11.31 -34.13
N ALA B 77 5.38 -10.97 -33.42
CA ALA B 77 6.64 -10.59 -34.07
C ALA B 77 7.51 -11.80 -34.42
N LYS B 78 6.96 -13.00 -34.42
CA LYS B 78 7.69 -14.22 -34.79
C LYS B 78 8.97 -14.37 -33.97
N ARG B 79 8.88 -14.09 -32.67
CA ARG B 79 10.00 -14.17 -31.75
C ARG B 79 9.81 -15.33 -30.79
N LYS B 80 10.89 -15.66 -30.09
CA LYS B 80 10.86 -16.71 -29.08
C LYS B 80 11.22 -16.20 -27.68
N THR B 81 11.45 -14.90 -27.53
CA THR B 81 11.81 -14.31 -26.25
C THR B 81 10.87 -13.16 -25.94
N VAL B 82 10.33 -13.15 -24.72
CA VAL B 82 9.44 -12.08 -24.28
C VAL B 82 10.30 -10.92 -23.80
N THR B 83 10.07 -9.73 -24.36
CA THR B 83 10.88 -8.56 -24.10
C THR B 83 10.14 -7.61 -23.16
N ALA B 84 10.91 -6.72 -22.50
CA ALA B 84 10.32 -5.75 -21.59
C ALA B 84 9.37 -4.81 -22.31
N MET B 85 9.61 -4.55 -23.59
CA MET B 85 8.71 -3.68 -24.35
C MET B 85 7.33 -4.31 -24.48
N ASP B 86 7.27 -5.62 -24.66
CA ASP B 86 5.98 -6.31 -24.72
C ASP B 86 5.24 -6.20 -23.40
N VAL B 87 5.97 -6.33 -22.28
CA VAL B 87 5.34 -6.18 -20.96
C VAL B 87 4.81 -4.77 -20.79
N VAL B 88 5.58 -3.76 -21.20
CA VAL B 88 5.13 -2.37 -21.07
C VAL B 88 3.90 -2.13 -21.94
N TYR B 89 3.90 -2.66 -23.15
CA TYR B 89 2.74 -2.50 -24.03
C TYR B 89 1.50 -3.17 -23.44
N ALA B 90 1.65 -4.38 -22.90
CA ALA B 90 0.53 -5.09 -22.32
C ALA B 90 -0.02 -4.34 -21.11
N LEU B 91 0.87 -3.80 -20.27
CA LEU B 91 0.41 -3.02 -19.12
C LEU B 91 -0.31 -1.76 -19.55
N LYS B 92 0.23 -1.05 -20.53
CA LYS B 92 -0.43 0.17 -21.01
C LYS B 92 -1.77 -0.14 -21.65
N ARG B 93 -1.93 -1.35 -22.20
CA ARG B 93 -3.21 -1.74 -22.77
C ARG B 93 -4.29 -1.92 -21.71
N GLN B 94 -3.92 -2.06 -20.44
CA GLN B 94 -4.88 -2.22 -19.35
C GLN B 94 -5.01 -0.97 -18.49
N GLY B 95 -4.49 0.17 -18.95
CA GLY B 95 -4.52 1.38 -18.15
C GLY B 95 -3.65 1.34 -16.91
N ARG B 96 -2.46 0.78 -17.01
CA ARG B 96 -1.52 0.67 -15.90
C ARG B 96 -0.12 1.09 -16.36
N THR B 97 -0.05 2.28 -16.98
CA THR B 97 1.20 2.78 -17.55
C THR B 97 2.33 2.76 -16.51
N LEU B 98 3.51 2.33 -16.95
CA LEU B 98 4.67 2.19 -16.08
C LEU B 98 5.86 2.94 -16.68
N TYR B 99 6.51 3.76 -15.87
CA TYR B 99 7.65 4.56 -16.29
C TYR B 99 8.96 3.95 -15.80
N GLY B 100 10.01 4.12 -16.60
CA GLY B 100 11.33 3.73 -16.19
C GLY B 100 11.86 2.43 -16.77
N PHE B 101 11.14 1.79 -17.69
CA PHE B 101 11.60 0.57 -18.34
C PHE B 101 11.62 0.71 -19.86
N GLY B 102 11.69 1.93 -20.36
CA GLY B 102 11.67 2.17 -21.79
C GLY B 102 10.31 2.66 -22.26
N GLY B 103 10.32 3.34 -23.40
CA GLY B 103 9.09 3.86 -23.98
C GLY B 103 9.05 5.38 -24.08
N LYS C 15 -19.72 -10.68 -58.35
CA LYS C 15 -18.69 -9.79 -58.89
C LYS C 15 -18.06 -8.97 -57.78
N SER C 16 -18.86 -8.59 -56.79
CA SER C 16 -18.35 -7.82 -55.66
C SER C 16 -17.40 -8.67 -54.83
N ARG C 17 -16.44 -7.99 -54.20
CA ARG C 17 -15.47 -8.69 -53.36
C ARG C 17 -16.11 -9.30 -52.13
N SER C 18 -17.28 -8.81 -51.72
CA SER C 18 -18.00 -9.44 -50.63
C SER C 18 -18.65 -10.75 -51.07
N SER C 19 -19.27 -10.76 -52.24
CA SER C 19 -19.87 -11.98 -52.78
C SER C 19 -18.81 -13.02 -53.12
N ARG C 20 -17.58 -12.60 -53.37
CA ARG C 20 -16.47 -13.53 -53.58
C ARG C 20 -16.06 -14.24 -52.30
N ALA C 21 -16.59 -13.83 -51.15
CA ALA C 21 -16.31 -14.48 -49.89
C ALA C 21 -17.54 -14.95 -49.13
N GLY C 22 -18.74 -14.50 -49.54
CA GLY C 22 -19.97 -14.92 -48.90
C GLY C 22 -20.52 -13.96 -47.86
N LEU C 23 -19.77 -12.94 -47.49
CA LEU C 23 -20.21 -12.01 -46.47
C LEU C 23 -21.31 -11.10 -46.99
N GLN C 24 -22.14 -10.60 -46.06
CA GLN C 24 -23.19 -9.65 -46.41
C GLN C 24 -22.79 -8.20 -46.20
N PHE C 25 -21.73 -7.95 -45.45
CA PHE C 25 -21.25 -6.60 -45.21
C PHE C 25 -20.43 -6.10 -46.40
N PRO C 26 -20.37 -4.78 -46.61
CA PRO C 26 -19.56 -4.25 -47.71
C PRO C 26 -18.07 -4.43 -47.44
N VAL C 27 -17.31 -4.59 -48.52
CA VAL C 27 -15.87 -4.72 -48.46
C VAL C 27 -15.17 -3.50 -49.07
N GLY C 28 -15.75 -2.93 -50.13
CA GLY C 28 -15.19 -1.71 -50.68
C GLY C 28 -15.27 -0.53 -49.72
N ARG C 29 -16.39 -0.43 -49.00
CA ARG C 29 -16.52 0.62 -47.99
C ARG C 29 -15.47 0.48 -46.91
N VAL C 30 -15.26 -0.76 -46.43
CA VAL C 30 -14.26 -1.00 -45.40
C VAL C 30 -12.86 -0.70 -45.92
N HIS C 31 -12.59 -1.05 -47.19
CA HIS C 31 -11.28 -0.76 -47.75
C HIS C 31 -11.03 0.73 -47.84
N ARG C 32 -12.04 1.50 -48.28
CA ARG C 32 -11.88 2.95 -48.35
C ARG C 32 -11.67 3.55 -46.96
N LEU C 33 -12.44 3.08 -45.97
CA LEU C 33 -12.32 3.61 -44.62
C LEU C 33 -10.95 3.28 -44.01
N LEU C 34 -10.41 2.10 -44.31
CA LEU C 34 -9.07 1.77 -43.84
C LEU C 34 -8.01 2.55 -44.59
N ARG C 35 -8.25 2.86 -45.87
CA ARG C 35 -7.25 3.55 -46.68
C ARG C 35 -7.12 5.01 -46.33
N LYS C 36 -8.24 5.70 -46.10
CA LYS C 36 -8.22 7.13 -45.79
C LYS C 36 -8.50 7.41 -44.31
N GLY C 37 -8.08 6.50 -43.43
CA GLY C 37 -8.33 6.66 -42.01
C GLY C 37 -7.10 6.99 -41.20
N ASN C 38 -5.96 7.15 -41.86
CA ASN C 38 -4.69 7.51 -41.22
C ASN C 38 -4.27 6.43 -40.20
N TYR C 39 -4.12 5.21 -40.70
CA TYR C 39 -3.68 4.08 -39.89
C TYR C 39 -2.32 3.56 -40.30
N ALA C 40 -2.01 3.57 -41.59
CA ALA C 40 -0.71 3.11 -42.08
C ALA C 40 -0.51 3.65 -43.49
N GLU C 41 0.71 3.46 -44.00
CA GLU C 41 1.01 3.92 -45.35
C GLU C 41 0.29 3.08 -46.41
N ARG C 42 0.27 1.76 -46.22
CA ARG C 42 -0.31 0.85 -47.18
C ARG C 42 -1.31 -0.07 -46.50
N VAL C 43 -2.25 -0.60 -47.29
CA VAL C 43 -3.30 -1.48 -46.82
C VAL C 43 -3.24 -2.78 -47.61
N GLY C 44 -3.26 -3.91 -46.90
CA GLY C 44 -3.22 -5.20 -47.55
C GLY C 44 -4.49 -5.48 -48.35
N ALA C 45 -4.49 -6.64 -49.00
CA ALA C 45 -5.59 -7.02 -49.86
C ALA C 45 -6.71 -7.73 -49.10
N GLY C 46 -6.36 -8.62 -48.16
CA GLY C 46 -7.33 -9.38 -47.42
C GLY C 46 -7.80 -8.77 -46.12
N ALA C 47 -7.33 -7.57 -45.78
CA ALA C 47 -7.74 -6.94 -44.52
C ALA C 47 -9.23 -6.61 -44.47
N PRO C 48 -9.83 -5.98 -45.49
CA PRO C 48 -11.28 -5.72 -45.39
C PRO C 48 -12.13 -6.98 -45.30
N VAL C 49 -11.71 -8.09 -45.89
CA VAL C 49 -12.47 -9.33 -45.74
C VAL C 49 -12.47 -9.79 -44.29
N TYR C 50 -11.31 -9.74 -43.63
CA TYR C 50 -11.24 -10.08 -42.21
C TYR C 50 -12.10 -9.13 -41.37
N MET C 51 -12.02 -7.83 -41.66
CA MET C 51 -12.84 -6.85 -40.97
C MET C 51 -14.31 -7.22 -41.06
N ALA C 52 -14.79 -7.44 -42.28
CA ALA C 52 -16.21 -7.72 -42.48
C ALA C 52 -16.62 -9.02 -41.83
N ALA C 53 -15.76 -10.03 -41.87
CA ALA C 53 -16.08 -11.31 -41.23
C ALA C 53 -16.30 -11.13 -39.74
N VAL C 54 -15.37 -10.47 -39.06
CA VAL C 54 -15.51 -10.31 -37.61
C VAL C 54 -16.72 -9.45 -37.26
N LEU C 55 -16.92 -8.35 -37.99
CA LEU C 55 -18.06 -7.49 -37.70
C LEU C 55 -19.38 -8.23 -37.91
N GLU C 56 -19.47 -9.03 -38.98
CA GLU C 56 -20.68 -9.79 -39.24
C GLU C 56 -20.94 -10.81 -38.14
N TYR C 57 -19.90 -11.49 -37.68
CA TYR C 57 -20.09 -12.45 -36.60
C TYR C 57 -20.65 -11.77 -35.36
N LEU C 58 -20.06 -10.64 -34.98
CA LEU C 58 -20.51 -9.96 -33.76
C LEU C 58 -21.96 -9.49 -33.88
N THR C 59 -22.30 -8.85 -35.02
CA THR C 59 -23.66 -8.35 -35.15
C THR C 59 -24.67 -9.48 -35.21
N ALA C 60 -24.33 -10.60 -35.88
CA ALA C 60 -25.24 -11.72 -35.95
C ALA C 60 -25.51 -12.31 -34.57
N GLU C 61 -24.46 -12.48 -33.77
CA GLU C 61 -24.64 -13.02 -32.43
C GLU C 61 -25.50 -12.11 -31.56
N ILE C 62 -25.20 -10.80 -31.59
CA ILE C 62 -25.98 -9.86 -30.78
C ILE C 62 -27.44 -9.88 -31.20
N LEU C 63 -27.70 -9.91 -32.51
CA LEU C 63 -29.08 -9.92 -32.99
C LEU C 63 -29.80 -11.21 -32.60
N GLU C 64 -29.09 -12.33 -32.61
CA GLU C 64 -29.70 -13.59 -32.15
C GLU C 64 -30.15 -13.48 -30.70
N LEU C 65 -29.27 -13.00 -29.82
CA LEU C 65 -29.64 -12.89 -28.41
C LEU C 65 -30.78 -11.89 -28.20
N ALA C 66 -30.73 -10.75 -28.89
CA ALA C 66 -31.80 -9.77 -28.75
C ALA C 66 -33.12 -10.30 -29.24
N GLY C 67 -33.12 -11.05 -30.35
CA GLY C 67 -34.35 -11.63 -30.84
C GLY C 67 -34.92 -12.67 -29.90
N ASN C 68 -34.04 -13.47 -29.27
CA ASN C 68 -34.50 -14.36 -28.22
C ASN C 68 -35.22 -13.59 -27.12
N ALA C 69 -34.56 -12.56 -26.58
CA ALA C 69 -35.14 -11.80 -25.48
C ALA C 69 -36.45 -11.12 -25.91
N ALA C 70 -36.55 -10.71 -27.17
CA ALA C 70 -37.80 -10.15 -27.67
C ALA C 70 -38.90 -11.20 -27.75
N ARG C 71 -38.53 -12.45 -28.08
CA ARG C 71 -39.51 -13.53 -28.11
C ARG C 71 -40.04 -13.82 -26.71
N ASP C 72 -39.18 -13.77 -25.69
CA ASP C 72 -39.66 -13.99 -24.32
C ASP C 72 -40.64 -12.93 -23.86
N ASN C 73 -40.73 -11.78 -24.53
CA ASN C 73 -41.64 -10.72 -24.13
C ASN C 73 -42.88 -10.62 -25.02
N LYS C 74 -43.11 -11.60 -25.88
CA LYS C 74 -44.29 -11.66 -26.75
C LYS C 74 -44.40 -10.41 -27.64
N LYS C 75 -43.31 -10.07 -28.30
CA LYS C 75 -43.28 -8.98 -29.25
C LYS C 75 -42.55 -9.39 -30.52
N THR C 76 -42.88 -8.74 -31.63
CA THR C 76 -42.30 -9.05 -32.92
C THR C 76 -41.18 -8.09 -33.34
N ARG C 77 -40.93 -7.05 -32.56
CA ARG C 77 -39.89 -6.07 -32.86
C ARG C 77 -38.88 -6.00 -31.74
N ILE C 78 -37.68 -5.56 -32.06
CA ILE C 78 -36.61 -5.38 -31.10
C ILE C 78 -36.53 -3.92 -30.72
N ILE C 79 -36.34 -3.65 -29.43
CA ILE C 79 -36.23 -2.29 -28.90
C ILE C 79 -35.00 -2.23 -28.02
N PRO C 80 -34.51 -1.02 -27.70
CA PRO C 80 -33.27 -0.92 -26.90
C PRO C 80 -33.32 -1.69 -25.59
N ARG C 81 -34.51 -1.91 -25.02
CA ARG C 81 -34.61 -2.71 -23.81
C ARG C 81 -34.13 -4.15 -24.05
N HIS C 82 -34.51 -4.74 -25.19
CA HIS C 82 -34.12 -6.11 -25.47
C HIS C 82 -32.62 -6.22 -25.76
N LEU C 83 -32.05 -5.23 -26.47
CA LEU C 83 -30.61 -5.21 -26.67
C LEU C 83 -29.89 -5.12 -25.33
N GLN C 84 -30.38 -4.26 -24.43
CA GLN C 84 -29.78 -4.15 -23.11
C GLN C 84 -29.87 -5.46 -22.35
N LEU C 85 -31.03 -6.11 -22.39
CA LEU C 85 -31.18 -7.39 -21.70
C LEU C 85 -30.22 -8.43 -22.24
N ALA C 86 -30.11 -8.52 -23.57
CA ALA C 86 -29.23 -9.51 -24.18
C ALA C 86 -27.77 -9.26 -23.81
N ILE C 87 -27.34 -7.99 -23.85
CA ILE C 87 -25.96 -7.68 -23.51
C ILE C 87 -25.69 -7.96 -22.04
N ARG C 88 -26.60 -7.59 -21.15
CA ARG C 88 -26.35 -7.70 -19.72
C ARG C 88 -26.42 -9.14 -19.24
N ASN C 89 -27.29 -9.96 -19.81
CA ASN C 89 -27.44 -11.33 -19.34
C ASN C 89 -26.21 -12.17 -19.69
N ASP C 90 -25.75 -12.08 -20.94
CA ASP C 90 -24.58 -12.85 -21.36
C ASP C 90 -23.31 -12.27 -20.76
N GLU C 91 -22.40 -13.14 -20.35
CA GLU C 91 -21.17 -12.69 -19.68
C GLU C 91 -20.18 -12.08 -20.66
N GLU C 92 -19.98 -12.70 -21.83
CA GLU C 92 -18.97 -12.22 -22.76
C GLU C 92 -19.30 -10.83 -23.28
N LEU C 93 -20.53 -10.65 -23.78
CA LEU C 93 -20.94 -9.35 -24.29
C LEU C 93 -21.03 -8.33 -23.17
N ASN C 94 -21.25 -8.78 -21.93
CA ASN C 94 -21.22 -7.86 -20.79
C ASN C 94 -19.80 -7.36 -20.54
N LYS C 95 -18.81 -8.24 -20.69
CA LYS C 95 -17.42 -7.81 -20.54
C LYS C 95 -17.02 -6.87 -21.66
N LEU C 96 -17.40 -7.19 -22.91
CA LEU C 96 -17.03 -6.35 -24.03
C LEU C 96 -17.60 -4.94 -23.89
N LEU C 97 -18.90 -4.84 -23.64
CA LEU C 97 -19.57 -3.55 -23.50
C LEU C 97 -19.74 -3.17 -22.03
N GLY C 98 -18.61 -2.99 -21.34
CA GLY C 98 -18.63 -2.68 -19.93
C GLY C 98 -18.71 -1.20 -19.60
N LYS C 99 -18.01 -0.38 -20.38
CA LYS C 99 -18.00 1.06 -20.19
C LYS C 99 -19.08 1.76 -21.01
N VAL C 100 -19.93 1.00 -21.69
CA VAL C 100 -20.90 1.56 -22.62
C VAL C 100 -22.22 1.78 -21.90
N THR C 101 -22.81 2.96 -22.11
CA THR C 101 -24.16 3.26 -21.64
C THR C 101 -25.09 3.24 -22.84
N ILE C 102 -26.17 2.47 -22.73
CA ILE C 102 -27.15 2.33 -23.80
C ILE C 102 -28.35 3.20 -23.46
N ALA C 103 -28.72 4.09 -24.38
CA ALA C 103 -29.87 4.94 -24.16
C ALA C 103 -31.15 4.13 -24.12
N GLN C 104 -32.04 4.49 -23.20
CA GLN C 104 -33.32 3.79 -23.02
C GLN C 104 -33.13 2.30 -22.79
N GLY C 105 -32.12 1.95 -21.99
CA GLY C 105 -31.83 0.56 -21.72
C GLY C 105 -32.51 0.02 -20.48
N GLY C 106 -32.33 0.70 -19.35
CA GLY C 106 -32.86 0.24 -18.09
C GLY C 106 -31.81 -0.45 -17.24
N VAL C 107 -32.31 -1.23 -16.27
CA VAL C 107 -31.47 -1.99 -15.36
C VAL C 107 -31.96 -3.43 -15.31
N LEU C 108 -31.06 -4.32 -14.91
CA LEU C 108 -31.42 -5.72 -14.70
C LEU C 108 -32.17 -5.86 -13.37
N PRO C 109 -33.35 -6.47 -13.35
CA PRO C 109 -34.10 -6.63 -12.10
C PRO C 109 -33.31 -7.42 -11.07
N ASN C 110 -33.07 -6.80 -9.92
CA ASN C 110 -32.23 -7.41 -8.88
C ASN C 110 -32.51 -6.71 -7.56
N ILE C 111 -32.91 -7.48 -6.56
CA ILE C 111 -33.16 -6.98 -5.21
C ILE C 111 -32.31 -7.81 -4.24
N GLN C 112 -31.60 -7.11 -3.36
CA GLN C 112 -30.75 -7.79 -2.38
C GLN C 112 -31.59 -8.56 -1.37
N ALA C 113 -31.06 -9.69 -0.93
CA ALA C 113 -31.81 -10.59 -0.07
C ALA C 113 -31.94 -10.05 1.35
N VAL C 114 -30.91 -9.37 1.85
CA VAL C 114 -30.94 -8.84 3.21
C VAL C 114 -32.05 -7.80 3.37
N LEU C 115 -32.41 -7.13 2.28
CA LEU C 115 -33.50 -6.16 2.32
C LEU C 115 -34.87 -6.80 2.16
N LEU C 116 -34.93 -8.08 1.80
CA LEU C 116 -36.23 -8.74 1.65
C LEU C 116 -36.79 -9.10 3.03
N PRO C 117 -38.11 -8.98 3.21
CA PRO C 117 -38.70 -9.33 4.51
C PRO C 117 -38.58 -10.81 4.80
N LYS C 118 -38.48 -11.13 6.09
CA LYS C 118 -38.33 -12.50 6.54
C LYS C 118 -39.68 -13.17 6.72
N LYS D 35 -26.21 10.49 -46.37
CA LYS D 35 -25.41 9.89 -45.33
C LYS D 35 -25.27 8.38 -45.53
N GLU D 36 -24.28 7.78 -44.87
CA GLU D 36 -24.00 6.36 -45.01
C GLU D 36 -24.19 5.68 -43.65
N SER D 37 -24.64 4.43 -43.70
CA SER D 37 -24.92 3.66 -42.49
C SER D 37 -24.89 2.18 -42.82
N TYR D 38 -25.04 1.34 -41.79
CA TYR D 38 -25.02 -0.13 -41.99
C TYR D 38 -26.42 -0.70 -41.84
N SER D 39 -27.43 0.15 -41.96
CA SER D 39 -28.84 -0.30 -41.79
C SER D 39 -29.15 -1.40 -42.81
N ILE D 40 -28.66 -1.25 -44.04
CA ILE D 40 -28.95 -2.23 -45.12
C ILE D 40 -28.36 -3.61 -44.77
N TYR D 41 -27.15 -3.64 -44.21
CA TYR D 41 -26.47 -4.95 -43.96
C TYR D 41 -26.97 -5.60 -42.67
N VAL D 42 -27.16 -4.80 -41.62
CA VAL D 42 -27.68 -5.32 -40.37
C VAL D 42 -29.06 -5.92 -40.59
N TYR D 43 -29.88 -5.29 -41.42
CA TYR D 43 -31.19 -5.85 -41.74
C TYR D 43 -31.05 -7.19 -42.46
N LYS D 44 -30.07 -7.31 -43.37
CA LYS D 44 -29.85 -8.58 -44.05
C LYS D 44 -29.46 -9.68 -43.06
N VAL D 45 -28.54 -9.36 -42.14
CA VAL D 45 -28.15 -10.35 -41.15
C VAL D 45 -29.33 -10.71 -40.25
N LEU D 46 -30.17 -9.72 -39.93
CA LEU D 46 -31.33 -9.96 -39.08
C LEU D 46 -32.32 -10.90 -39.75
N LYS D 47 -32.65 -10.66 -41.02
CA LYS D 47 -33.53 -11.59 -41.71
C LYS D 47 -32.87 -12.94 -41.92
N GLN D 48 -31.53 -12.99 -41.90
CA GLN D 48 -30.85 -14.29 -41.96
C GLN D 48 -31.04 -15.08 -40.67
N VAL D 49 -30.94 -14.42 -39.51
CA VAL D 49 -30.99 -15.14 -38.24
C VAL D 49 -32.43 -15.36 -37.78
N HIS D 50 -33.20 -14.28 -37.68
CA HIS D 50 -34.61 -14.35 -37.26
C HIS D 50 -35.47 -13.86 -38.41
N PRO D 51 -36.00 -14.76 -39.25
CA PRO D 51 -36.75 -14.29 -40.42
C PRO D 51 -38.03 -13.53 -40.10
N ASP D 52 -38.80 -13.99 -39.11
CA ASP D 52 -40.08 -13.37 -38.77
C ASP D 52 -39.92 -12.40 -37.59
N THR D 53 -39.13 -11.35 -37.81
CA THR D 53 -38.90 -10.34 -36.79
C THR D 53 -38.54 -9.02 -37.46
N GLY D 54 -39.04 -7.92 -36.89
CA GLY D 54 -38.72 -6.59 -37.34
C GLY D 54 -37.93 -5.82 -36.29
N ILE D 55 -37.57 -4.59 -36.65
CA ILE D 55 -36.77 -3.74 -35.78
C ILE D 55 -37.22 -2.29 -35.95
N SER D 56 -37.03 -1.51 -34.89
CA SER D 56 -37.37 -0.09 -34.89
C SER D 56 -36.15 0.72 -35.34
N SER D 57 -36.20 2.04 -35.15
CA SER D 57 -35.11 2.91 -35.60
C SER D 57 -34.03 3.11 -34.54
N LYS D 58 -34.43 3.25 -33.27
CA LYS D 58 -33.45 3.47 -32.21
C LYS D 58 -32.53 2.27 -32.05
N ALA D 59 -33.08 1.06 -32.18
CA ALA D 59 -32.26 -0.14 -32.12
C ALA D 59 -31.26 -0.17 -33.26
N MET D 60 -31.68 0.23 -34.46
CA MET D 60 -30.76 0.29 -35.58
C MET D 60 -29.65 1.30 -35.34
N GLY D 61 -29.99 2.46 -34.76
CA GLY D 61 -28.95 3.44 -34.44
C GLY D 61 -27.95 2.92 -33.43
N ILE D 62 -28.43 2.22 -32.40
CA ILE D 62 -27.52 1.63 -31.42
C ILE D 62 -26.61 0.61 -32.10
N MET D 63 -27.17 -0.18 -33.03
CA MET D 63 -26.35 -1.16 -33.74
C MET D 63 -25.29 -0.49 -34.60
N ASN D 64 -25.65 0.62 -35.26
CA ASN D 64 -24.68 1.36 -36.05
C ASN D 64 -23.53 1.88 -35.19
N SER D 65 -23.87 2.45 -34.03
CA SER D 65 -22.84 2.95 -33.12
C SER D 65 -21.94 1.82 -32.64
N PHE D 66 -22.53 0.65 -32.38
CA PHE D 66 -21.74 -0.51 -31.99
C PHE D 66 -20.74 -0.89 -33.06
N VAL D 67 -21.19 -0.96 -34.31
CA VAL D 67 -20.31 -1.36 -35.41
C VAL D 67 -19.19 -0.35 -35.58
N ASN D 68 -19.51 0.94 -35.51
CA ASN D 68 -18.47 1.97 -35.66
C ASN D 68 -17.44 1.88 -34.55
N ASP D 69 -17.90 1.68 -33.30
CA ASP D 69 -16.98 1.57 -32.18
C ASP D 69 -16.03 0.40 -32.35
N ILE D 70 -16.56 -0.76 -32.75
CA ILE D 70 -15.70 -1.93 -32.90
C ILE D 70 -14.71 -1.74 -34.04
N PHE D 71 -15.16 -1.16 -35.16
CA PHE D 71 -14.25 -0.90 -36.26
C PHE D 71 -13.09 -0.02 -35.81
N GLU D 72 -13.41 1.06 -35.09
CA GLU D 72 -12.35 1.97 -34.64
C GLU D 72 -11.38 1.27 -33.68
N ARG D 73 -11.90 0.47 -32.75
CA ARG D 73 -11.03 -0.23 -31.81
C ARG D 73 -10.05 -1.14 -32.53
N ILE D 74 -10.57 -2.00 -33.42
CA ILE D 74 -9.70 -2.96 -34.10
C ILE D 74 -8.71 -2.24 -35.00
N ALA D 75 -9.17 -1.23 -35.74
CA ALA D 75 -8.28 -0.53 -36.65
C ALA D 75 -7.14 0.16 -35.91
N GLY D 76 -7.46 0.84 -34.80
CA GLY D 76 -6.41 1.51 -34.04
C GLY D 76 -5.40 0.54 -33.44
N GLU D 77 -5.89 -0.60 -32.93
CA GLU D 77 -4.97 -1.58 -32.38
C GLU D 77 -4.06 -2.14 -33.46
N ALA D 78 -4.60 -2.41 -34.65
CA ALA D 78 -3.78 -2.90 -35.75
C ALA D 78 -2.75 -1.87 -36.20
N SER D 79 -3.13 -0.60 -36.22
CA SER D 79 -2.18 0.46 -36.57
C SER D 79 -1.03 0.51 -35.57
N ARG D 80 -1.34 0.42 -34.28
CA ARG D 80 -0.28 0.39 -33.27
C ARG D 80 0.61 -0.83 -33.46
N LEU D 81 0.03 -1.99 -33.76
CA LEU D 81 0.81 -3.20 -33.97
C LEU D 81 1.78 -3.03 -35.13
N ALA D 82 1.32 -2.45 -36.23
CA ALA D 82 2.21 -2.21 -37.36
C ALA D 82 3.32 -1.23 -36.99
N HIS D 83 2.99 -0.18 -36.24
CA HIS D 83 3.99 0.83 -35.89
C HIS D 83 5.06 0.26 -34.97
N TYR D 84 4.68 -0.59 -34.03
CA TYR D 84 5.65 -1.15 -33.08
C TYR D 84 6.71 -1.99 -33.79
N ASN D 85 6.36 -2.65 -34.89
CA ASN D 85 7.25 -3.60 -35.56
C ASN D 85 7.98 -2.98 -36.74
N LYS D 86 7.89 -1.65 -36.91
CA LYS D 86 8.57 -0.94 -37.99
C LYS D 86 8.12 -1.45 -39.36
N ARG D 87 6.80 -1.54 -39.53
CA ARG D 87 6.19 -1.92 -40.79
C ARG D 87 5.46 -0.73 -41.38
N SER D 88 4.99 -0.89 -42.61
CA SER D 88 4.29 0.17 -43.32
C SER D 88 2.95 -0.25 -43.90
N THR D 89 2.54 -1.50 -43.71
CA THR D 89 1.32 -2.02 -44.32
C THR D 89 0.48 -2.73 -43.27
N ILE D 90 -0.83 -2.75 -43.49
CA ILE D 90 -1.77 -3.43 -42.61
C ILE D 90 -2.33 -4.63 -43.36
N THR D 91 -1.89 -5.82 -42.98
CA THR D 91 -2.29 -7.07 -43.59
C THR D 91 -3.46 -7.68 -42.79
N SER D 92 -3.76 -8.95 -43.05
CA SER D 92 -4.74 -9.68 -42.26
C SER D 92 -4.15 -10.23 -40.96
N ARG D 93 -2.82 -10.38 -40.90
CA ARG D 93 -2.18 -10.79 -39.65
C ARG D 93 -2.40 -9.74 -38.56
N GLU D 94 -2.30 -8.46 -38.93
CA GLU D 94 -2.56 -7.39 -37.97
C GLU D 94 -3.99 -7.47 -37.45
N ILE D 95 -4.94 -7.68 -38.34
CA ILE D 95 -6.34 -7.76 -37.92
C ILE D 95 -6.56 -8.95 -37.00
N GLN D 96 -5.93 -10.09 -37.32
CA GLN D 96 -6.11 -11.28 -36.49
C GLN D 96 -5.54 -11.07 -35.08
N THR D 97 -4.34 -10.50 -34.99
CA THR D 97 -3.76 -10.26 -33.67
C THR D 97 -4.55 -9.20 -32.89
N ALA D 98 -5.09 -8.19 -33.57
CA ALA D 98 -5.95 -7.24 -32.90
C ALA D 98 -7.21 -7.91 -32.36
N VAL D 99 -7.80 -8.82 -33.14
CA VAL D 99 -8.99 -9.53 -32.68
C VAL D 99 -8.66 -10.39 -31.47
N ARG D 100 -7.49 -11.04 -31.49
CA ARG D 100 -7.07 -11.83 -30.33
C ARG D 100 -6.90 -10.96 -29.09
N LEU D 101 -6.31 -9.77 -29.26
CA LEU D 101 -6.05 -8.92 -28.11
C LEU D 101 -7.27 -8.16 -27.62
N LEU D 102 -8.34 -8.08 -28.42
CA LEU D 102 -9.51 -7.30 -28.05
C LEU D 102 -10.69 -8.14 -27.59
N LEU D 103 -11.12 -9.12 -28.37
CA LEU D 103 -12.31 -9.89 -28.03
C LEU D 103 -12.01 -10.84 -26.88
N PRO D 104 -12.97 -11.06 -25.97
CA PRO D 104 -12.74 -11.98 -24.85
C PRO D 104 -13.28 -13.38 -25.07
N GLY D 105 -12.52 -14.39 -24.64
CA GLY D 105 -13.06 -15.74 -24.52
C GLY D 105 -13.33 -16.42 -25.85
N GLU D 106 -14.42 -17.18 -25.89
CA GLU D 106 -14.80 -17.93 -27.08
C GLU D 106 -15.22 -17.03 -28.24
N LEU D 107 -15.57 -15.78 -27.95
CA LEU D 107 -15.86 -14.82 -29.02
C LEU D 107 -14.64 -14.67 -29.92
N ALA D 108 -13.45 -14.57 -29.32
CA ALA D 108 -12.23 -14.47 -30.09
C ALA D 108 -12.01 -15.70 -30.95
N LYS D 109 -12.25 -16.89 -30.39
CA LYS D 109 -12.05 -18.13 -31.14
C LYS D 109 -12.95 -18.18 -32.36
N HIS D 110 -14.24 -17.92 -32.16
CA HIS D 110 -15.18 -18.03 -33.27
C HIS D 110 -14.95 -16.95 -34.31
N ALA D 111 -14.65 -15.72 -33.88
CA ALA D 111 -14.36 -14.65 -34.83
C ALA D 111 -13.10 -14.95 -35.64
N VAL D 112 -12.05 -15.47 -34.99
CA VAL D 112 -10.83 -15.82 -35.70
C VAL D 112 -11.10 -16.90 -36.73
N SER D 113 -11.86 -17.93 -36.34
CA SER D 113 -12.17 -19.00 -37.27
C SER D 113 -12.96 -18.48 -38.46
N GLU D 114 -13.97 -17.64 -38.22
CA GLU D 114 -14.77 -17.13 -39.33
C GLU D 114 -13.93 -16.25 -40.25
N GLY D 115 -13.05 -15.42 -39.69
CA GLY D 115 -12.21 -14.58 -40.52
C GLY D 115 -11.27 -15.38 -41.40
N THR D 116 -10.63 -16.40 -40.82
CA THR D 116 -9.76 -17.27 -41.62
C THR D 116 -10.53 -17.97 -42.73
N LYS D 117 -11.71 -18.50 -42.40
CA LYS D 117 -12.51 -19.20 -43.41
C LYS D 117 -12.93 -18.26 -44.54
N ALA D 118 -13.37 -17.05 -44.19
CA ALA D 118 -13.80 -16.09 -45.21
C ALA D 118 -12.63 -15.66 -46.09
N VAL D 119 -11.45 -15.46 -45.49
CA VAL D 119 -10.29 -15.07 -46.28
C VAL D 119 -9.88 -16.18 -47.23
N THR D 120 -9.90 -17.43 -46.76
CA THR D 120 -9.58 -18.55 -47.64
C THR D 120 -10.57 -18.66 -48.79
N LYS D 121 -11.87 -18.52 -48.49
CA LYS D 121 -12.88 -18.59 -49.55
C LYS D 121 -12.72 -17.45 -50.56
N TYR D 122 -12.41 -16.25 -50.08
CA TYR D 122 -12.18 -15.13 -51.00
C TYR D 122 -10.97 -15.36 -51.89
N THR D 123 -9.87 -15.87 -51.30
CA THR D 123 -8.66 -16.06 -52.09
C THR D 123 -8.83 -17.17 -53.11
N SER D 124 -9.41 -18.30 -52.72
CA SER D 124 -9.62 -19.39 -53.67
C SER D 124 -10.58 -18.98 -54.78
N ALA D 125 -11.66 -18.29 -54.44
CA ALA D 125 -12.64 -17.84 -55.42
C ALA D 125 -12.19 -16.53 -56.07
N HIS E 40 -56.43 -0.24 5.27
CA HIS E 40 -55.58 -0.34 6.44
C HIS E 40 -54.27 0.42 6.23
N ARG E 41 -53.27 0.09 7.04
CA ARG E 41 -51.96 0.72 6.96
C ARG E 41 -50.91 -0.37 6.73
N TYR E 42 -50.26 -0.33 5.58
CA TYR E 42 -49.18 -1.26 5.29
C TYR E 42 -48.01 -1.03 6.23
N ARG E 43 -47.42 -2.11 6.70
CA ARG E 43 -46.24 -1.99 7.54
C ARG E 43 -45.10 -1.37 6.74
N PRO E 44 -44.32 -0.47 7.33
CA PRO E 44 -43.29 0.25 6.56
C PRO E 44 -42.27 -0.68 5.95
N GLY E 45 -42.25 -0.71 4.61
CA GLY E 45 -41.32 -1.56 3.88
C GLY E 45 -41.93 -2.20 2.65
N THR E 46 -43.26 -2.37 2.65
CA THR E 46 -43.92 -2.99 1.52
C THR E 46 -43.95 -2.07 0.31
N VAL E 47 -44.39 -0.83 0.53
CA VAL E 47 -44.50 0.15 -0.59
C VAL E 47 -43.08 0.43 -1.14
N CYS E 48 -42.07 0.34 -0.26
CA CYS E 48 -40.68 0.60 -0.69
C CYS E 48 -40.26 -0.44 -1.74
N LEU E 49 -40.65 -1.70 -1.54
CA LEU E 49 -40.25 -2.78 -2.48
C LEU E 49 -41.16 -2.70 -3.72
N ARG E 50 -42.45 -2.42 -3.51
CA ARG E 50 -43.34 -2.21 -4.66
C ARG E 50 -42.76 -1.20 -5.63
N GLU E 51 -42.29 -0.07 -5.11
CA GLU E 51 -41.71 0.96 -5.96
C GLU E 51 -40.38 0.49 -6.56
N ILE E 52 -39.59 -0.29 -5.82
CA ILE E 52 -38.36 -0.82 -6.37
C ILE E 52 -38.65 -1.68 -7.59
N ARG E 53 -39.63 -2.59 -7.48
CA ARG E 53 -39.99 -3.43 -8.61
C ARG E 53 -40.52 -2.59 -9.77
N ARG E 54 -41.37 -1.60 -9.47
CA ARG E 54 -41.94 -0.77 -10.52
C ARG E 54 -40.87 -0.03 -11.30
N TYR E 55 -39.91 0.57 -10.59
CA TYR E 55 -38.89 1.38 -11.25
C TYR E 55 -37.72 0.57 -11.77
N GLN E 56 -37.61 -0.70 -11.40
CA GLN E 56 -36.65 -1.59 -12.05
C GLN E 56 -37.27 -2.35 -13.23
N LYS E 57 -38.58 -2.29 -13.40
CA LYS E 57 -39.24 -2.86 -14.57
C LYS E 57 -39.68 -1.77 -15.57
N SER E 58 -38.95 -0.67 -15.62
CA SER E 58 -39.34 0.47 -16.45
C SER E 58 -38.13 1.02 -17.18
N THR E 59 -38.39 1.95 -18.11
CA THR E 59 -37.37 2.50 -18.98
C THR E 59 -37.38 4.03 -19.08
N GLU E 60 -38.44 4.69 -18.63
CA GLU E 60 -38.58 6.12 -18.83
C GLU E 60 -37.57 6.90 -17.98
N LEU E 61 -37.62 8.23 -18.10
CA LEU E 61 -36.75 9.12 -17.34
C LEU E 61 -37.40 9.50 -16.02
N LEU E 62 -36.55 9.77 -15.02
CA LEU E 62 -37.01 9.96 -13.65
C LEU E 62 -36.83 11.40 -13.16
N ILE E 63 -36.40 12.31 -14.01
CA ILE E 63 -36.26 13.72 -13.65
C ILE E 63 -37.05 14.55 -14.65
N ARG E 64 -37.66 15.64 -14.19
CA ARG E 64 -38.39 16.52 -15.08
C ARG E 64 -37.42 17.17 -16.06
N LYS E 65 -37.93 17.53 -17.23
CA LYS E 65 -37.07 18.00 -18.31
C LYS E 65 -36.79 19.50 -18.26
N LEU E 66 -37.82 20.31 -17.99
CA LEU E 66 -37.61 21.76 -17.89
C LEU E 66 -36.60 22.14 -16.80
N PRO E 67 -36.70 21.64 -15.56
CA PRO E 67 -35.69 22.01 -14.57
C PRO E 67 -34.28 21.57 -14.92
N PHE E 68 -34.12 20.39 -15.53
CA PHE E 68 -32.79 19.95 -15.92
C PHE E 68 -32.21 20.84 -17.01
N GLN E 69 -33.03 21.24 -17.97
CA GLN E 69 -32.56 22.16 -19.00
C GLN E 69 -32.16 23.49 -18.39
N ARG E 70 -32.94 23.99 -17.43
CA ARG E 70 -32.60 25.25 -16.78
C ARG E 70 -31.27 25.16 -16.05
N LEU E 71 -31.06 24.06 -15.32
CA LEU E 71 -29.80 23.90 -14.60
C LEU E 71 -28.63 23.79 -15.56
N VAL E 72 -28.81 23.07 -16.68
CA VAL E 72 -27.74 22.93 -17.66
C VAL E 72 -27.35 24.28 -18.22
N ARG E 73 -28.34 25.09 -18.59
CA ARG E 73 -28.04 26.41 -19.16
C ARG E 73 -27.36 27.31 -18.14
N GLU E 74 -27.82 27.30 -16.89
CA GLU E 74 -27.20 28.15 -15.88
C GLU E 74 -25.77 27.72 -15.59
N ILE E 75 -25.49 26.42 -15.60
CA ILE E 75 -24.11 25.97 -15.45
C ILE E 75 -23.26 26.42 -16.64
N ALA E 76 -23.78 26.28 -17.85
CA ALA E 76 -23.00 26.57 -19.05
C ALA E 76 -22.75 28.06 -19.24
N GLN E 77 -23.59 28.91 -18.67
CA GLN E 77 -23.40 30.35 -18.84
C GLN E 77 -22.12 30.87 -18.19
N ASP E 78 -21.47 30.08 -17.35
CA ASP E 78 -20.23 30.48 -16.69
C ASP E 78 -18.98 30.16 -17.52
N PHE E 79 -19.14 29.57 -18.69
CA PHE E 79 -18.01 29.29 -19.57
C PHE E 79 -18.00 30.17 -20.81
N LYS E 80 -19.16 30.57 -21.32
CA LYS E 80 -19.25 31.47 -22.46
C LYS E 80 -20.67 32.01 -22.52
N THR E 81 -20.80 33.33 -22.55
CA THR E 81 -22.12 33.93 -22.61
C THR E 81 -22.71 33.81 -24.01
N ASP E 82 -24.03 33.91 -24.08
CA ASP E 82 -24.80 33.83 -25.33
C ASP E 82 -24.52 32.52 -26.06
N LEU E 83 -24.81 31.42 -25.38
CA LEU E 83 -24.68 30.09 -25.94
C LEU E 83 -26.05 29.56 -26.36
N ARG E 84 -26.05 28.62 -27.29
CA ARG E 84 -27.25 27.97 -27.75
C ARG E 84 -27.09 26.46 -27.62
N PHE E 85 -28.21 25.76 -27.64
CA PHE E 85 -28.21 24.31 -27.49
C PHE E 85 -29.19 23.70 -28.47
N GLN E 86 -28.97 22.42 -28.78
CA GLN E 86 -29.94 21.60 -29.48
C GLN E 86 -30.61 20.66 -28.49
N SER E 87 -31.83 20.25 -28.81
CA SER E 87 -32.56 19.36 -27.92
C SER E 87 -31.83 18.04 -27.71
N SER E 88 -31.13 17.56 -28.73
CA SER E 88 -30.39 16.31 -28.61
C SER E 88 -29.29 16.41 -27.57
N ALA E 89 -28.64 17.57 -27.48
CA ALA E 89 -27.57 17.75 -26.50
C ALA E 89 -28.10 17.62 -25.08
N VAL E 90 -29.23 18.28 -24.79
CA VAL E 90 -29.79 18.22 -23.45
C VAL E 90 -30.32 16.83 -23.15
N MET E 91 -30.91 16.17 -24.14
CA MET E 91 -31.38 14.79 -23.93
C MET E 91 -30.21 13.87 -23.58
N ALA E 92 -29.11 13.97 -24.33
CA ALA E 92 -27.95 13.13 -24.06
C ALA E 92 -27.36 13.41 -22.69
N LEU E 93 -27.29 14.69 -22.31
CA LEU E 93 -26.80 15.03 -20.98
C LEU E 93 -27.67 14.42 -19.90
N GLN E 94 -28.99 14.47 -20.08
CA GLN E 94 -29.88 13.88 -19.08
C GLN E 94 -29.68 12.37 -18.97
N GLU E 95 -29.57 11.67 -20.10
CA GLU E 95 -29.38 10.23 -20.06
C GLU E 95 -28.08 9.86 -19.34
N ALA E 96 -26.98 10.53 -19.69
CA ALA E 96 -25.71 10.23 -19.06
C ALA E 96 -25.76 10.49 -17.55
N SER E 97 -26.36 11.62 -17.16
CA SER E 97 -26.43 11.95 -15.73
C SER E 97 -27.25 10.93 -14.95
N GLU E 98 -28.39 10.51 -15.50
CA GLU E 98 -29.22 9.54 -14.79
C GLU E 98 -28.52 8.20 -14.66
N ALA E 99 -27.84 7.75 -15.71
CA ALA E 99 -27.08 6.50 -15.61
C ALA E 99 -25.99 6.59 -14.55
N TYR E 100 -25.28 7.72 -14.52
CA TYR E 100 -24.23 7.90 -13.52
C TYR E 100 -24.79 7.83 -12.10
N LEU E 101 -25.91 8.52 -11.87
CA LEU E 101 -26.49 8.55 -10.53
C LEU E 101 -26.99 7.18 -10.11
N VAL E 102 -27.61 6.43 -11.04
CA VAL E 102 -28.10 5.10 -10.68
C VAL E 102 -26.94 4.17 -10.30
N GLY E 103 -25.86 4.19 -11.08
CA GLY E 103 -24.71 3.36 -10.73
C GLY E 103 -24.10 3.74 -9.40
N LEU E 104 -24.00 5.06 -9.14
CA LEU E 104 -23.48 5.52 -7.86
C LEU E 104 -24.34 5.03 -6.71
N PHE E 105 -25.67 5.07 -6.88
CA PHE E 105 -26.55 4.59 -5.81
C PHE E 105 -26.40 3.09 -5.59
N GLU E 106 -26.16 2.32 -6.65
CA GLU E 106 -25.89 0.89 -6.47
C GLU E 106 -24.66 0.67 -5.59
N ASP E 107 -23.56 1.36 -5.91
CA ASP E 107 -22.34 1.20 -5.10
C ASP E 107 -22.57 1.66 -3.66
N THR E 108 -23.33 2.75 -3.49
CA THR E 108 -23.64 3.26 -2.16
C THR E 108 -24.43 2.24 -1.33
N ASN E 109 -25.42 1.59 -1.97
CA ASN E 109 -26.20 0.57 -1.27
C ASN E 109 -25.32 -0.60 -0.85
N LEU E 110 -24.41 -1.03 -1.72
CA LEU E 110 -23.47 -2.09 -1.35
C LEU E 110 -22.66 -1.69 -0.13
N ALA E 111 -22.13 -0.46 -0.13
CA ALA E 111 -21.33 0.00 1.00
C ALA E 111 -22.14 0.05 2.29
N ALA E 112 -23.39 0.50 2.21
CA ALA E 112 -24.25 0.56 3.39
C ALA E 112 -24.54 -0.83 3.94
N ILE E 113 -24.79 -1.80 3.05
CA ILE E 113 -25.04 -3.17 3.51
C ILE E 113 -23.79 -3.73 4.19
N HIS E 114 -22.61 -3.40 3.67
CA HIS E 114 -21.37 -3.88 4.27
C HIS E 114 -21.25 -3.49 5.74
N ALA E 115 -21.83 -2.35 6.13
CA ALA E 115 -21.75 -1.84 7.49
C ALA E 115 -22.91 -2.29 8.36
N LYS E 116 -23.69 -3.27 7.91
CA LYS E 116 -24.80 -3.84 8.66
C LYS E 116 -25.88 -2.79 8.96
N ARG E 117 -26.37 -2.16 7.90
CA ARG E 117 -27.44 -1.19 7.99
C ARG E 117 -28.41 -1.43 6.85
N VAL E 118 -29.49 -0.64 6.83
CA VAL E 118 -30.50 -0.72 5.78
C VAL E 118 -30.63 0.62 5.08
N THR E 119 -30.32 1.70 5.79
CA THR E 119 -30.44 3.05 5.27
C THR E 119 -29.08 3.60 4.89
N ILE E 120 -29.02 4.33 3.78
CA ILE E 120 -27.78 4.88 3.27
C ILE E 120 -27.55 6.26 3.87
N MET E 121 -26.29 6.63 4.01
CA MET E 121 -25.86 7.88 4.62
C MET E 121 -24.82 8.54 3.73
N PRO E 122 -24.54 9.84 3.96
CA PRO E 122 -23.50 10.50 3.15
C PRO E 122 -22.13 9.85 3.22
N LYS E 123 -21.77 9.22 4.34
CA LYS E 123 -20.47 8.57 4.43
C LYS E 123 -20.37 7.40 3.46
N ASP E 124 -21.47 6.72 3.18
CA ASP E 124 -21.46 5.66 2.18
C ASP E 124 -21.15 6.21 0.80
N ILE E 125 -21.77 7.35 0.44
CA ILE E 125 -21.48 7.99 -0.83
C ILE E 125 -20.01 8.38 -0.90
N GLN E 126 -19.48 8.94 0.18
CA GLN E 126 -18.08 9.36 0.18
C GLN E 126 -17.15 8.16 0.02
N LEU E 127 -17.43 7.06 0.69
CA LEU E 127 -16.58 5.88 0.55
C LEU E 127 -16.64 5.32 -0.86
N ALA E 128 -17.84 5.25 -1.45
CA ALA E 128 -17.96 4.76 -2.82
C ALA E 128 -17.20 5.64 -3.79
N ARG E 129 -17.33 6.97 -3.65
CA ARG E 129 -16.65 7.88 -4.56
C ARG E 129 -15.15 7.86 -4.38
N ARG E 130 -14.67 7.60 -3.16
CA ARG E 130 -13.23 7.51 -2.95
C ARG E 130 -12.65 6.22 -3.52
N ILE E 131 -13.36 5.10 -3.36
CA ILE E 131 -12.87 3.84 -3.90
C ILE E 131 -12.92 3.85 -5.42
N ARG E 132 -13.97 4.44 -5.99
CA ARG E 132 -14.08 4.51 -7.46
C ARG E 132 -12.97 5.32 -8.09
N GLY E 133 -12.25 6.14 -7.32
CA GLY E 133 -11.23 7.00 -7.86
C GLY E 133 -11.69 8.40 -8.20
N GLU E 134 -12.98 8.69 -8.08
CA GLU E 134 -13.47 10.03 -8.37
C GLU E 134 -12.97 11.07 -7.39
N ARG E 135 -12.43 10.66 -6.25
CA ARG E 135 -11.90 11.57 -5.25
C ARG E 135 -10.56 11.05 -4.77
N ALA E 136 -9.62 11.97 -4.53
CA ALA E 136 -8.31 11.61 -4.02
C ALA E 136 -8.36 11.43 -2.51
N ASN F 26 -30.72 26.98 -9.08
CA ASN F 26 -31.47 26.13 -10.00
C ASN F 26 -31.23 24.66 -9.69
N ILE F 27 -30.26 24.38 -8.82
CA ILE F 27 -30.02 23.02 -8.39
C ILE F 27 -31.15 22.51 -7.51
N GLN F 28 -31.94 23.41 -6.92
CA GLN F 28 -33.08 23.01 -6.10
C GLN F 28 -34.27 22.56 -6.94
N GLY F 29 -34.20 22.68 -8.25
CA GLY F 29 -35.21 22.10 -9.13
C GLY F 29 -35.09 20.61 -9.28
N ILE F 30 -34.03 20.00 -8.75
CA ILE F 30 -33.92 18.55 -8.65
C ILE F 30 -34.57 18.18 -7.32
N THR F 31 -35.86 17.86 -7.39
CA THR F 31 -36.64 17.64 -6.19
C THR F 31 -36.20 16.37 -5.47
N LYS F 32 -36.76 16.16 -4.29
CA LYS F 32 -36.45 15.02 -3.44
C LYS F 32 -37.13 13.74 -3.92
N PRO F 33 -38.38 13.78 -4.40
CA PRO F 33 -38.95 12.57 -5.02
C PRO F 33 -38.16 12.06 -6.22
N ALA F 34 -37.52 12.94 -7.00
CA ALA F 34 -36.70 12.48 -8.11
C ALA F 34 -35.49 11.67 -7.62
N ILE F 35 -34.84 12.15 -6.57
CA ILE F 35 -33.72 11.42 -6.00
C ILE F 35 -34.20 10.11 -5.39
N ARG F 36 -35.39 10.12 -4.80
CA ARG F 36 -35.95 8.87 -4.27
C ARG F 36 -36.21 7.86 -5.39
N ARG F 37 -36.72 8.31 -6.53
CA ARG F 37 -36.95 7.41 -7.65
C ARG F 37 -35.64 6.85 -8.19
N LEU F 38 -34.61 7.68 -8.30
CA LEU F 38 -33.32 7.19 -8.76
C LEU F 38 -32.74 6.17 -7.78
N ALA F 39 -32.92 6.41 -6.48
CA ALA F 39 -32.47 5.45 -5.48
C ALA F 39 -33.26 4.15 -5.56
N ARG F 40 -34.57 4.23 -5.82
CA ARG F 40 -35.37 3.03 -5.97
C ARG F 40 -34.88 2.19 -7.14
N ARG F 41 -34.62 2.83 -8.29
CA ARG F 41 -34.07 2.09 -9.41
C ARG F 41 -32.68 1.55 -9.09
N GLY F 42 -31.97 2.20 -8.17
CA GLY F 42 -30.70 1.66 -7.73
C GLY F 42 -30.80 0.54 -6.72
N GLY F 43 -31.99 0.22 -6.25
CA GLY F 43 -32.20 -0.86 -5.30
C GLY F 43 -32.24 -0.47 -3.84
N VAL F 44 -32.28 0.83 -3.54
CA VAL F 44 -32.18 1.31 -2.16
C VAL F 44 -33.54 1.26 -1.49
N LYS F 45 -33.56 0.83 -0.22
CA LYS F 45 -34.81 0.69 0.52
C LYS F 45 -35.15 1.94 1.33
N ARG F 46 -34.26 2.34 2.24
CA ARG F 46 -34.47 3.51 3.09
C ARG F 46 -33.37 4.53 2.82
N ILE F 47 -33.73 5.81 2.89
CA ILE F 47 -32.83 6.91 2.59
C ILE F 47 -32.79 7.86 3.78
N SER F 48 -31.60 8.28 4.16
CA SER F 48 -31.45 9.26 5.24
C SER F 48 -31.91 10.63 4.76
N GLY F 49 -31.80 11.62 5.65
CA GLY F 49 -32.29 12.95 5.33
C GLY F 49 -31.22 13.92 4.87
N LEU F 50 -29.96 13.51 4.96
CA LEU F 50 -28.84 14.33 4.51
C LEU F 50 -28.28 13.85 3.17
N ILE F 51 -29.05 13.07 2.42
CA ILE F 51 -28.57 12.51 1.16
C ILE F 51 -28.81 13.45 0.00
N TYR F 52 -29.89 14.23 0.03
CA TYR F 52 -30.28 15.03 -1.12
C TYR F 52 -29.24 16.11 -1.45
N GLU F 53 -28.69 16.77 -0.43
CA GLU F 53 -27.68 17.80 -0.69
C GLU F 53 -26.42 17.20 -1.29
N GLU F 54 -25.99 16.03 -0.81
CA GLU F 54 -24.81 15.38 -1.37
C GLU F 54 -25.04 14.98 -2.81
N THR F 55 -26.24 14.46 -3.12
CA THR F 55 -26.56 14.12 -4.49
C THR F 55 -26.52 15.35 -5.40
N ARG F 56 -27.04 16.48 -4.90
CA ARG F 56 -26.99 17.71 -5.68
C ARG F 56 -25.56 18.14 -5.94
N GLY F 57 -24.69 18.03 -4.93
CA GLY F 57 -23.30 18.40 -5.13
C GLY F 57 -22.60 17.55 -6.18
N VAL F 58 -22.77 16.23 -6.10
CA VAL F 58 -22.07 15.36 -7.05
C VAL F 58 -22.61 15.56 -8.47
N LEU F 59 -23.93 15.76 -8.61
CA LEU F 59 -24.49 16.02 -9.93
C LEU F 59 -23.95 17.32 -10.51
N LYS F 60 -23.84 18.36 -9.67
CA LYS F 60 -23.30 19.63 -10.15
C LYS F 60 -21.87 19.47 -10.65
N VAL F 61 -21.03 18.73 -9.91
CA VAL F 61 -19.65 18.53 -10.33
C VAL F 61 -19.58 17.81 -11.67
N PHE F 62 -20.36 16.71 -11.79
CA PHE F 62 -20.37 15.95 -13.04
C PHE F 62 -20.76 16.81 -14.22
N LEU F 63 -21.84 17.57 -14.07
CA LEU F 63 -22.32 18.42 -15.16
C LEU F 63 -21.29 19.48 -15.52
N GLU F 64 -20.65 20.07 -14.51
CA GLU F 64 -19.64 21.09 -14.79
C GLU F 64 -18.53 20.53 -15.67
N ASN F 65 -18.00 19.35 -15.31
CA ASN F 65 -16.90 18.79 -16.11
C ASN F 65 -17.34 18.51 -17.55
N VAL F 66 -18.47 17.83 -17.71
CA VAL F 66 -18.89 17.44 -19.06
C VAL F 66 -19.16 18.67 -19.92
N ILE F 67 -19.85 19.67 -19.36
CA ILE F 67 -20.17 20.85 -20.15
C ILE F 67 -18.92 21.67 -20.47
N ARG F 68 -17.94 21.68 -19.57
CA ARG F 68 -16.68 22.37 -19.89
C ARG F 68 -16.03 21.76 -21.13
N ASP F 69 -15.92 20.43 -21.16
CA ASP F 69 -15.30 19.80 -22.33
C ASP F 69 -16.13 20.02 -23.60
N ALA F 70 -17.46 19.93 -23.49
CA ALA F 70 -18.30 20.14 -24.66
C ALA F 70 -18.18 21.55 -25.22
N VAL F 71 -18.12 22.55 -24.34
CA VAL F 71 -17.97 23.92 -24.79
C VAL F 71 -16.60 24.14 -25.43
N THR F 72 -15.56 23.48 -24.92
CA THR F 72 -14.26 23.58 -25.58
C THR F 72 -14.33 23.05 -27.01
N TYR F 73 -14.92 21.86 -27.18
CA TYR F 73 -15.07 21.30 -28.52
C TYR F 73 -15.88 22.21 -29.43
N THR F 74 -16.94 22.82 -28.89
CA THR F 74 -17.75 23.74 -29.68
C THR F 74 -16.97 24.98 -30.08
N GLU F 75 -16.15 25.51 -29.18
CA GLU F 75 -15.37 26.72 -29.47
C GLU F 75 -14.36 26.47 -30.57
N HIS F 76 -13.72 25.29 -30.58
CA HIS F 76 -12.72 25.03 -31.62
C HIS F 76 -13.33 25.09 -33.00
N ALA F 77 -14.53 24.55 -33.19
CA ALA F 77 -15.16 24.51 -34.51
C ALA F 77 -15.73 25.85 -34.93
N LYS F 78 -15.56 26.90 -34.13
CA LYS F 78 -16.03 28.24 -34.48
C LYS F 78 -17.55 28.27 -34.69
N ARG F 79 -18.28 27.75 -33.71
CA ARG F 79 -19.73 27.71 -33.74
C ARG F 79 -20.29 28.39 -32.50
N LYS F 80 -21.60 28.58 -32.48
CA LYS F 80 -22.29 29.13 -31.32
C LYS F 80 -23.31 28.17 -30.73
N THR F 81 -23.55 27.02 -31.36
CA THR F 81 -24.54 26.04 -30.92
C THR F 81 -23.84 24.76 -30.52
N VAL F 82 -24.19 24.23 -29.35
CA VAL F 82 -23.63 22.99 -28.85
C VAL F 82 -24.46 21.84 -29.41
N THR F 83 -23.83 21.01 -30.23
CA THR F 83 -24.50 19.88 -30.87
C THR F 83 -24.38 18.63 -30.01
N ALA F 84 -25.14 17.60 -30.39
CA ALA F 84 -25.10 16.34 -29.64
C ALA F 84 -23.76 15.64 -29.78
N MET F 85 -23.08 15.82 -30.91
CA MET F 85 -21.78 15.18 -31.10
C MET F 85 -20.73 15.75 -30.15
N ASP F 86 -20.83 17.04 -29.81
CA ASP F 86 -19.91 17.60 -28.83
C ASP F 86 -20.06 16.92 -27.48
N VAL F 87 -21.30 16.70 -27.07
CA VAL F 87 -21.57 15.98 -25.82
C VAL F 87 -21.02 14.56 -25.90
N VAL F 88 -21.23 13.90 -27.04
CA VAL F 88 -20.77 12.52 -27.18
C VAL F 88 -19.25 12.44 -27.10
N TYR F 89 -18.55 13.35 -27.78
CA TYR F 89 -17.09 13.37 -27.71
C TYR F 89 -16.60 13.67 -26.30
N ALA F 90 -17.23 14.64 -25.63
CA ALA F 90 -16.83 14.98 -24.28
C ALA F 90 -17.02 13.82 -23.32
N LEU F 91 -18.13 13.08 -23.48
CA LEU F 91 -18.33 11.88 -22.66
C LEU F 91 -17.27 10.83 -22.96
N LYS F 92 -16.99 10.60 -24.25
CA LYS F 92 -16.00 9.60 -24.63
C LYS F 92 -14.62 9.92 -24.07
N ARG F 93 -14.29 11.22 -23.95
CA ARG F 93 -13.01 11.61 -23.36
C ARG F 93 -12.87 11.11 -21.92
N GLN F 94 -13.98 10.98 -21.20
CA GLN F 94 -13.97 10.58 -19.80
C GLN F 94 -14.26 9.09 -19.62
N GLY F 95 -14.28 8.32 -20.69
CA GLY F 95 -14.61 6.89 -20.58
C GLY F 95 -16.03 6.61 -20.16
N ARG F 96 -16.99 7.30 -20.74
CA ARG F 96 -18.41 7.11 -20.48
C ARG F 96 -19.19 7.00 -21.79
N THR F 97 -18.69 6.14 -22.69
CA THR F 97 -19.26 5.99 -24.03
C THR F 97 -20.77 5.83 -23.99
N LEU F 98 -21.45 6.54 -24.88
CA LEU F 98 -22.90 6.55 -24.96
C LEU F 98 -23.34 6.22 -26.38
N TYR F 99 -24.26 5.27 -26.52
CA TYR F 99 -24.83 4.90 -27.81
C TYR F 99 -26.20 5.53 -27.98
N GLY F 100 -26.60 5.70 -29.24
CA GLY F 100 -27.93 6.13 -29.58
C GLY F 100 -28.08 7.59 -29.94
N PHE F 101 -27.00 8.35 -30.01
CA PHE F 101 -27.08 9.77 -30.37
C PHE F 101 -26.14 10.12 -31.50
N GLY F 102 -25.64 9.13 -32.23
CA GLY F 102 -24.81 9.39 -33.39
C GLY F 102 -23.33 9.07 -33.19
N GLY F 103 -23.04 8.11 -32.31
CA GLY F 103 -21.67 7.73 -32.03
C GLY F 103 -20.92 7.12 -33.21
N ALA G 14 21.20 33.41 -36.89
CA ALA G 14 20.89 32.14 -36.23
C ALA G 14 20.33 31.14 -37.23
N LYS G 15 20.74 29.88 -37.08
CA LYS G 15 20.35 28.81 -37.99
C LYS G 15 19.35 27.84 -37.36
N SER G 16 19.64 27.35 -36.16
CA SER G 16 18.75 26.38 -35.53
C SER G 16 17.39 27.01 -35.26
N ARG G 17 16.33 26.24 -35.53
CA ARG G 17 14.99 26.76 -35.34
C ARG G 17 14.60 26.89 -33.87
N SER G 18 15.28 26.17 -32.99
CA SER G 18 15.02 26.34 -31.56
C SER G 18 15.64 27.63 -31.02
N SER G 19 16.73 28.09 -31.62
CA SER G 19 17.35 29.34 -31.18
C SER G 19 16.51 30.54 -31.57
N ARG G 20 15.86 30.51 -32.74
CA ARG G 20 15.01 31.61 -33.14
C ARG G 20 13.77 31.73 -32.28
N ALA G 21 13.27 30.60 -31.77
CA ALA G 21 12.12 30.59 -30.88
C ALA G 21 12.50 30.74 -29.42
N GLY G 22 13.78 30.78 -29.10
CA GLY G 22 14.23 30.93 -27.73
C GLY G 22 13.90 29.75 -26.85
N LEU G 23 13.98 28.54 -27.38
CA LEU G 23 13.68 27.32 -26.64
C LEU G 23 14.95 26.50 -26.46
N GLN G 24 14.90 25.58 -25.50
CA GLN G 24 15.97 24.62 -25.30
C GLN G 24 15.61 23.24 -25.83
N PHE G 25 14.42 23.07 -26.41
CA PHE G 25 14.01 21.79 -26.96
C PHE G 25 14.07 21.83 -28.49
N PRO G 26 14.30 20.69 -29.14
CA PRO G 26 14.50 20.71 -30.59
C PRO G 26 13.21 20.87 -31.36
N VAL G 27 13.25 21.72 -32.38
CA VAL G 27 12.09 21.95 -33.22
C VAL G 27 12.11 21.06 -34.45
N GLY G 28 13.29 20.86 -35.06
CA GLY G 28 13.37 20.02 -36.24
C GLY G 28 13.03 18.57 -35.95
N ARG G 29 13.53 18.04 -34.82
CA ARG G 29 13.23 16.66 -34.46
C ARG G 29 11.74 16.48 -34.20
N VAL G 30 11.11 17.44 -33.53
CA VAL G 30 9.68 17.34 -33.27
C VAL G 30 8.89 17.43 -34.57
N HIS G 31 9.34 18.27 -35.50
CA HIS G 31 8.66 18.35 -36.80
C HIS G 31 8.75 17.03 -37.54
N ARG G 32 9.92 16.39 -37.54
CA ARG G 32 10.06 15.10 -38.21
C ARG G 32 9.23 14.03 -37.53
N LEU G 33 9.19 14.02 -36.20
CA LEU G 33 8.36 13.05 -35.49
C LEU G 33 6.89 13.24 -35.80
N LEU G 34 6.44 14.49 -35.89
CA LEU G 34 5.06 14.76 -36.27
C LEU G 34 4.78 14.27 -37.69
N ARG G 35 5.71 14.50 -38.61
CA ARG G 35 5.49 14.10 -40.00
C ARG G 35 5.44 12.59 -40.16
N LYS G 36 6.35 11.87 -39.52
CA LYS G 36 6.42 10.42 -39.65
C LYS G 36 5.76 9.71 -38.47
N GLY G 37 4.47 9.98 -38.28
CA GLY G 37 3.75 9.34 -37.19
C GLY G 37 2.32 8.95 -37.53
N ASN G 38 1.91 9.24 -38.77
CA ASN G 38 0.55 8.95 -39.24
C ASN G 38 -0.51 9.66 -38.39
N TYR G 39 -0.29 10.94 -38.15
CA TYR G 39 -1.26 11.77 -37.45
C TYR G 39 -2.12 12.59 -38.39
N ALA G 40 -1.54 13.12 -39.45
CA ALA G 40 -2.28 13.87 -40.47
C ALA G 40 -1.46 13.87 -41.74
N GLU G 41 -2.13 14.23 -42.84
CA GLU G 41 -1.44 14.26 -44.13
C GLU G 41 -0.45 15.42 -44.22
N ARG G 42 -0.81 16.59 -43.65
CA ARG G 42 0.05 17.76 -43.67
C ARG G 42 0.22 18.30 -42.26
N VAL G 43 1.35 18.95 -42.03
CA VAL G 43 1.71 19.51 -40.73
C VAL G 43 2.12 20.96 -40.92
N GLY G 44 1.52 21.86 -40.13
CA GLY G 44 1.82 23.27 -40.25
C GLY G 44 3.20 23.62 -39.72
N ALA G 45 3.57 24.88 -39.90
CA ALA G 45 4.90 25.35 -39.54
C ALA G 45 5.03 25.75 -38.08
N GLY G 46 3.93 26.13 -37.42
CA GLY G 46 4.00 26.58 -36.05
C GLY G 46 3.71 25.50 -35.02
N ALA G 47 3.25 24.34 -35.47
CA ALA G 47 2.95 23.25 -34.54
C ALA G 47 4.18 22.73 -33.79
N PRO G 48 5.33 22.47 -34.43
CA PRO G 48 6.49 22.01 -33.66
C PRO G 48 6.94 23.02 -32.60
N VAL G 49 6.85 24.31 -32.89
CA VAL G 49 7.29 25.32 -31.93
C VAL G 49 6.38 25.31 -30.70
N TYR G 50 5.07 25.25 -30.92
CA TYR G 50 4.12 25.17 -29.81
C TYR G 50 4.35 23.92 -28.97
N MET G 51 4.53 22.78 -29.63
CA MET G 51 4.73 21.53 -28.90
C MET G 51 6.02 21.57 -28.08
N ALA G 52 7.10 22.09 -28.68
CA ALA G 52 8.36 22.17 -27.95
C ALA G 52 8.23 23.09 -26.75
N ALA G 53 7.54 24.21 -26.91
CA ALA G 53 7.36 25.14 -25.78
C ALA G 53 6.57 24.48 -24.65
N VAL G 54 5.49 23.77 -24.98
CA VAL G 54 4.66 23.15 -23.94
C VAL G 54 5.45 22.06 -23.23
N LEU G 55 6.16 21.22 -23.97
CA LEU G 55 6.94 20.15 -23.35
C LEU G 55 8.03 20.72 -22.46
N GLU G 56 8.68 21.80 -22.91
CA GLU G 56 9.72 22.44 -22.11
C GLU G 56 9.14 23.00 -20.81
N TYR G 57 7.98 23.65 -20.89
CA TYR G 57 7.35 24.17 -19.68
C TYR G 57 7.07 23.05 -18.69
N LEU G 58 6.49 21.95 -19.17
CA LEU G 58 6.13 20.86 -18.26
C LEU G 58 7.36 20.23 -17.62
N THR G 59 8.41 19.98 -18.41
CA THR G 59 9.59 19.33 -17.84
C THR G 59 10.29 20.24 -16.84
N ALA G 60 10.36 21.55 -17.11
CA ALA G 60 10.97 22.46 -16.15
C ALA G 60 10.15 22.52 -14.87
N GLU G 61 8.82 22.55 -14.98
CA GLU G 61 7.96 22.60 -13.80
C GLU G 61 8.16 21.37 -12.92
N ILE G 62 8.24 20.18 -13.53
CA ILE G 62 8.49 18.99 -12.72
C ILE G 62 9.88 19.04 -12.10
N LEU G 63 10.89 19.45 -12.87
CA LEU G 63 12.27 19.39 -12.41
C LEU G 63 12.52 20.34 -11.25
N GLU G 64 11.86 21.49 -11.22
CA GLU G 64 12.07 22.43 -10.12
C GLU G 64 11.63 21.81 -8.78
N LEU G 65 10.42 21.24 -8.74
CA LEU G 65 9.94 20.61 -7.53
C LEU G 65 10.80 19.41 -7.15
N ALA G 66 11.25 18.64 -8.14
CA ALA G 66 12.14 17.52 -7.85
C ALA G 66 13.44 18.00 -7.21
N GLY G 67 13.99 19.11 -7.70
CA GLY G 67 15.21 19.64 -7.12
C GLY G 67 15.02 20.15 -5.71
N ASN G 68 13.88 20.79 -5.45
CA ASN G 68 13.57 21.22 -4.08
C ASN G 68 13.49 20.02 -3.15
N ALA G 69 12.78 18.98 -3.56
CA ALA G 69 12.65 17.78 -2.72
C ALA G 69 13.99 17.09 -2.52
N ALA G 70 14.89 17.16 -3.52
CA ALA G 70 16.22 16.61 -3.34
C ALA G 70 17.02 17.41 -2.33
N ARG G 71 16.92 18.74 -2.37
CA ARG G 71 17.63 19.57 -1.41
C ARG G 71 17.08 19.39 0.00
N ASP G 72 15.80 19.05 0.13
CA ASP G 72 15.24 18.83 1.46
C ASP G 72 15.90 17.66 2.17
N ASN G 73 16.47 16.71 1.43
CA ASN G 73 17.09 15.53 2.00
C ASN G 73 18.61 15.64 2.06
N LYS G 74 19.16 16.83 1.82
CA LYS G 74 20.61 17.06 1.83
C LYS G 74 21.32 16.19 0.82
N LYS G 75 20.79 16.17 -0.41
CA LYS G 75 21.39 15.47 -1.53
C LYS G 75 21.40 16.36 -2.76
N THR G 76 22.41 16.20 -3.59
CA THR G 76 22.59 17.05 -4.76
C THR G 76 22.36 16.31 -6.07
N ARG G 77 21.70 15.16 -6.03
CA ARG G 77 21.36 14.42 -7.24
C ARG G 77 19.93 13.94 -7.15
N ILE G 78 19.17 14.14 -8.21
CA ILE G 78 17.76 13.76 -8.24
C ILE G 78 17.65 12.28 -8.55
N ILE G 79 16.88 11.56 -7.73
CA ILE G 79 16.64 10.13 -7.92
C ILE G 79 15.13 9.92 -8.07
N PRO G 80 14.65 8.73 -8.46
CA PRO G 80 13.21 8.57 -8.70
C PRO G 80 12.33 8.88 -7.50
N ARG G 81 12.83 8.70 -6.27
CA ARG G 81 12.04 9.02 -5.09
C ARG G 81 11.67 10.49 -5.03
N HIS G 82 12.62 11.37 -5.39
CA HIS G 82 12.35 12.80 -5.38
C HIS G 82 11.31 13.17 -6.44
N LEU G 83 11.40 12.56 -7.62
CA LEU G 83 10.38 12.80 -8.64
C LEU G 83 9.00 12.35 -8.15
N GLN G 84 8.93 11.19 -7.51
CA GLN G 84 7.65 10.71 -6.99
C GLN G 84 7.09 11.65 -5.93
N LEU G 85 7.95 12.11 -5.01
CA LEU G 85 7.49 13.04 -3.98
C LEU G 85 6.96 14.32 -4.60
N ALA G 86 7.70 14.89 -5.55
CA ALA G 86 7.27 16.12 -6.21
C ALA G 86 5.95 15.93 -6.94
N ILE G 87 5.78 14.80 -7.61
CA ILE G 87 4.56 14.57 -8.38
C ILE G 87 3.37 14.38 -7.45
N ARG G 88 3.53 13.53 -6.42
CA ARG G 88 2.40 13.20 -5.56
C ARG G 88 2.05 14.30 -4.58
N ASN G 89 2.95 15.25 -4.32
CA ASN G 89 2.68 16.31 -3.36
C ASN G 89 2.05 17.54 -3.99
N ASP G 90 1.76 17.53 -5.29
CA ASP G 90 1.13 18.66 -5.96
C ASP G 90 -0.17 18.19 -6.58
N GLU G 91 -1.20 19.02 -6.47
CA GLU G 91 -2.56 18.59 -6.83
C GLU G 91 -2.69 18.35 -8.34
N GLU G 92 -2.27 19.32 -9.15
CA GLU G 92 -2.49 19.22 -10.59
C GLU G 92 -1.56 18.21 -11.25
N LEU G 93 -0.30 18.17 -10.83
CA LEU G 93 0.61 17.16 -11.35
C LEU G 93 0.19 15.75 -10.96
N ASN G 94 -0.45 15.61 -9.79
CA ASN G 94 -0.98 14.30 -9.41
C ASN G 94 -2.23 13.96 -10.22
N LYS G 95 -3.05 14.96 -10.55
CA LYS G 95 -4.21 14.69 -11.40
C LYS G 95 -3.80 14.30 -12.81
N LEU G 96 -2.74 14.92 -13.34
CA LEU G 96 -2.28 14.58 -14.69
C LEU G 96 -1.73 13.16 -14.74
N LEU G 97 -0.83 12.82 -13.82
CA LEU G 97 -0.23 11.49 -13.77
C LEU G 97 -0.95 10.61 -12.76
N GLY G 98 -2.26 10.45 -12.96
CA GLY G 98 -3.07 9.72 -12.01
C GLY G 98 -3.01 8.21 -12.14
N LYS G 99 -2.69 7.71 -13.33
CA LYS G 99 -2.70 6.28 -13.61
C LYS G 99 -1.32 5.81 -14.07
N VAL G 100 -0.27 6.35 -13.45
CA VAL G 100 1.11 6.08 -13.83
C VAL G 100 1.85 5.51 -12.63
N THR G 101 2.68 4.51 -12.87
CA THR G 101 3.52 3.89 -11.86
C THR G 101 4.97 4.23 -12.13
N ILE G 102 5.65 4.77 -11.13
CA ILE G 102 7.05 5.17 -11.24
C ILE G 102 7.89 4.15 -10.48
N ALA G 103 8.82 3.52 -11.18
CA ALA G 103 9.65 2.48 -10.56
C ALA G 103 10.56 3.08 -9.51
N GLN G 104 10.73 2.34 -8.40
CA GLN G 104 11.57 2.75 -7.28
C GLN G 104 11.16 4.11 -6.73
N GLY G 105 9.85 4.33 -6.60
CA GLY G 105 9.35 5.59 -6.12
C GLY G 105 8.78 5.54 -4.71
N GLY G 106 8.12 4.44 -4.35
CA GLY G 106 7.50 4.34 -3.05
C GLY G 106 6.14 5.03 -3.00
N VAL G 107 5.73 5.37 -1.78
CA VAL G 107 4.45 6.03 -1.53
C VAL G 107 4.67 7.20 -0.58
N LEU G 108 3.66 8.05 -0.47
CA LEU G 108 3.66 9.13 0.52
C LEU G 108 3.35 8.56 1.90
N PRO G 109 4.10 8.91 2.93
CA PRO G 109 3.74 8.46 4.29
C PRO G 109 2.38 8.98 4.71
N ASN G 110 1.54 8.08 5.18
CA ASN G 110 0.16 8.44 5.55
C ASN G 110 -0.40 7.36 6.47
N ILE G 111 -0.76 7.75 7.69
CA ILE G 111 -1.38 6.87 8.67
C ILE G 111 -2.75 7.44 9.01
N GLN G 112 -3.78 6.59 8.97
CA GLN G 112 -5.11 7.02 9.38
C GLN G 112 -5.12 7.37 10.85
N ALA G 113 -5.88 8.41 11.21
CA ALA G 113 -5.84 8.92 12.58
C ALA G 113 -6.41 7.94 13.58
N VAL G 114 -7.37 7.11 13.16
CA VAL G 114 -8.02 6.19 14.09
C VAL G 114 -7.10 5.08 14.56
N LEU G 115 -6.00 4.83 13.85
CA LEU G 115 -5.08 3.76 14.20
C LEU G 115 -4.02 4.19 15.20
N LEU G 116 -3.88 5.47 15.48
CA LEU G 116 -2.89 5.95 16.42
C LEU G 116 -3.34 5.70 17.86
N PRO G 117 -2.40 5.46 18.77
CA PRO G 117 -2.77 5.23 20.17
C PRO G 117 -3.45 6.46 20.77
N LYS G 118 -4.41 6.20 21.66
CA LYS G 118 -5.19 7.25 22.27
C LYS G 118 -4.55 7.75 23.57
N LYS H 32 25.34 -2.13 -34.10
CA LYS H 32 24.60 -1.15 -33.33
C LYS H 32 24.10 0.00 -34.21
N SER H 33 23.13 0.76 -33.71
CA SER H 33 22.59 1.91 -34.42
C SER H 33 22.43 3.06 -33.44
N ARG H 34 22.47 4.27 -33.98
CA ARG H 34 22.32 5.46 -33.16
C ARG H 34 20.91 5.53 -32.59
N LYS H 35 20.81 5.82 -31.29
CA LYS H 35 19.54 5.89 -30.58
C LYS H 35 19.28 7.32 -30.13
N GLU H 36 18.04 7.76 -30.27
CA GLU H 36 17.63 9.13 -29.96
C GLU H 36 17.00 9.19 -28.57
N SER H 37 17.31 10.24 -27.82
CA SER H 37 16.71 10.48 -26.52
C SER H 37 16.63 11.99 -26.30
N TYR H 38 16.21 12.41 -25.10
CA TYR H 38 16.02 13.86 -24.84
C TYR H 38 16.93 14.30 -23.72
N SER H 39 17.95 13.50 -23.40
CA SER H 39 18.85 13.80 -22.26
C SER H 39 19.56 15.15 -22.44
N ILE H 40 19.93 15.48 -23.67
CA ILE H 40 20.70 16.73 -23.93
C ILE H 40 19.83 17.94 -23.52
N TYR H 41 18.54 17.91 -23.85
CA TYR H 41 17.64 19.06 -23.58
C TYR H 41 17.24 19.09 -22.11
N VAL H 42 16.85 17.93 -21.57
CA VAL H 42 16.47 17.85 -20.16
C VAL H 42 17.60 18.37 -19.28
N TYR H 43 18.84 18.02 -19.61
CA TYR H 43 19.97 18.48 -18.81
C TYR H 43 20.15 20.00 -18.93
N LYS H 44 19.95 20.55 -20.13
CA LYS H 44 20.04 22.00 -20.28
C LYS H 44 18.97 22.71 -19.45
N VAL H 45 17.74 22.19 -19.48
CA VAL H 45 16.66 22.79 -18.70
C VAL H 45 16.98 22.71 -17.20
N LEU H 46 17.50 21.56 -16.75
CA LEU H 46 17.85 21.41 -15.35
C LEU H 46 18.92 22.40 -14.92
N LYS H 47 19.96 22.56 -15.74
CA LYS H 47 20.99 23.53 -15.41
C LYS H 47 20.45 24.95 -15.45
N GLN H 48 19.41 25.19 -16.24
CA GLN H 48 18.75 26.49 -16.22
C GLN H 48 18.04 26.71 -14.88
N VAL H 49 17.31 25.71 -14.41
CA VAL H 49 16.49 25.88 -13.19
C VAL H 49 17.36 25.80 -11.94
N HIS H 50 18.04 24.67 -11.73
CA HIS H 50 18.91 24.49 -10.59
C HIS H 50 20.35 24.38 -11.08
N PRO H 51 21.13 25.46 -11.03
CA PRO H 51 22.44 25.46 -11.71
C PRO H 51 23.48 24.55 -11.09
N ASP H 52 23.24 23.97 -9.92
CA ASP H 52 24.22 23.15 -9.23
C ASP H 52 23.60 21.86 -8.72
N THR H 53 22.87 21.16 -9.57
CA THR H 53 22.25 19.88 -9.23
C THR H 53 22.49 18.88 -10.34
N GLY H 54 22.56 17.60 -9.97
CA GLY H 54 22.78 16.53 -10.90
C GLY H 54 21.53 15.69 -11.12
N ILE H 55 21.74 14.51 -11.70
CA ILE H 55 20.65 13.60 -12.01
C ILE H 55 21.25 12.23 -12.28
N SER H 56 20.48 11.17 -12.03
CA SER H 56 20.93 9.81 -12.24
C SER H 56 20.31 9.24 -13.52
N SER H 57 20.68 7.99 -13.83
CA SER H 57 20.24 7.36 -15.07
C SER H 57 18.77 6.95 -15.01
N LYS H 58 18.33 6.40 -13.88
CA LYS H 58 16.94 6.00 -13.74
C LYS H 58 16.01 7.19 -13.83
N ALA H 59 16.39 8.31 -13.20
CA ALA H 59 15.60 9.53 -13.33
C ALA H 59 15.56 10.01 -14.78
N MET H 60 16.67 9.88 -15.49
CA MET H 60 16.69 10.24 -16.91
C MET H 60 15.71 9.39 -17.70
N GLY H 61 15.68 8.08 -17.44
CA GLY H 61 14.73 7.22 -18.14
C GLY H 61 13.29 7.60 -17.83
N ILE H 62 13.01 7.92 -16.57
CA ILE H 62 11.66 8.33 -16.21
C ILE H 62 11.27 9.61 -16.94
N MET H 63 12.20 10.57 -17.03
CA MET H 63 11.90 11.82 -17.72
C MET H 63 11.66 11.59 -19.21
N ASN H 64 12.47 10.71 -19.84
CA ASN H 64 12.26 10.40 -21.25
C ASN H 64 10.88 9.79 -21.48
N SER H 65 10.49 8.84 -20.62
CA SER H 65 9.17 8.23 -20.76
C SER H 65 8.07 9.27 -20.57
N PHE H 66 8.25 10.20 -19.64
CA PHE H 66 7.27 11.25 -19.43
C PHE H 66 7.08 12.11 -20.67
N VAL H 67 8.19 12.53 -21.29
CA VAL H 67 8.10 13.38 -22.48
C VAL H 67 7.44 12.62 -23.63
N ASN H 68 7.81 11.36 -23.82
CA ASN H 68 7.21 10.57 -24.89
C ASN H 68 5.70 10.39 -24.68
N ASP H 69 5.29 10.13 -23.43
CA ASP H 69 3.87 9.96 -23.13
C ASP H 69 3.08 11.22 -23.44
N ILE H 70 3.59 12.38 -23.00
CA ILE H 70 2.86 13.62 -23.24
C ILE H 70 2.79 13.93 -24.74
N PHE H 71 3.89 13.69 -25.45
CA PHE H 71 3.87 13.90 -26.90
C PHE H 71 2.80 13.05 -27.57
N GLU H 72 2.74 11.76 -27.21
CA GLU H 72 1.76 10.87 -27.82
C GLU H 72 0.34 11.32 -27.51
N ARG H 73 0.07 11.71 -26.26
CA ARG H 73 -1.27 12.17 -25.89
C ARG H 73 -1.70 13.37 -26.70
N ILE H 74 -0.85 14.41 -26.74
CA ILE H 74 -1.24 15.63 -27.43
C ILE H 74 -1.38 15.40 -28.93
N ALA H 75 -0.46 14.63 -29.52
CA ALA H 75 -0.54 14.37 -30.95
C ALA H 75 -1.80 13.61 -31.32
N GLY H 76 -2.16 12.59 -30.52
CA GLY H 76 -3.38 11.86 -30.78
C GLY H 76 -4.63 12.73 -30.68
N GLU H 77 -4.67 13.58 -29.64
CA GLU H 77 -5.83 14.46 -29.49
C GLU H 77 -5.94 15.43 -30.66
N ALA H 78 -4.80 15.98 -31.12
CA ALA H 78 -4.82 16.91 -32.24
C ALA H 78 -5.28 16.23 -33.52
N SER H 79 -4.81 15.00 -33.75
CA SER H 79 -5.24 14.26 -34.93
C SER H 79 -6.75 14.00 -34.89
N ARG H 80 -7.28 13.63 -33.74
CA ARG H 80 -8.73 13.45 -33.61
C ARG H 80 -9.48 14.75 -33.90
N LEU H 81 -8.99 15.86 -33.37
CA LEU H 81 -9.64 17.15 -33.62
C LEU H 81 -9.63 17.50 -35.10
N ALA H 82 -8.52 17.22 -35.79
CA ALA H 82 -8.46 17.48 -37.22
C ALA H 82 -9.45 16.59 -37.98
N HIS H 83 -9.56 15.32 -37.59
CA HIS H 83 -10.48 14.42 -38.28
C HIS H 83 -11.94 14.80 -38.05
N TYR H 84 -12.26 15.31 -36.86
CA TYR H 84 -13.64 15.69 -36.56
C TYR H 84 -14.11 16.82 -37.46
N ASN H 85 -13.24 17.78 -37.74
CA ASN H 85 -13.60 18.98 -38.51
C ASN H 85 -13.34 18.82 -40.00
N LYS H 86 -12.88 17.65 -40.45
CA LYS H 86 -12.61 17.38 -41.86
C LYS H 86 -11.52 18.31 -42.41
N ARG H 87 -10.36 18.26 -41.76
CA ARG H 87 -9.19 19.02 -42.16
C ARG H 87 -8.00 18.07 -42.27
N SER H 88 -7.12 18.34 -43.23
CA SER H 88 -5.97 17.49 -43.46
C SER H 88 -4.69 18.02 -42.82
N THR H 89 -4.76 19.15 -42.11
CA THR H 89 -3.58 19.82 -41.60
C THR H 89 -3.66 19.95 -40.08
N ILE H 90 -2.52 19.75 -39.43
CA ILE H 90 -2.37 19.95 -37.99
C ILE H 90 -1.61 21.26 -37.80
N THR H 91 -2.29 22.25 -37.23
CA THR H 91 -1.76 23.59 -37.03
C THR H 91 -1.55 23.83 -35.53
N SER H 92 -1.21 25.07 -35.19
CA SER H 92 -1.05 25.43 -33.79
C SER H 92 -2.38 25.57 -33.05
N ARG H 93 -3.47 25.84 -33.76
CA ARG H 93 -4.78 25.87 -33.13
C ARG H 93 -5.15 24.50 -32.58
N GLU H 94 -4.86 23.44 -33.32
CA GLU H 94 -5.12 22.09 -32.85
C GLU H 94 -4.29 21.76 -31.61
N ILE H 95 -3.03 22.17 -31.59
CA ILE H 95 -2.19 21.92 -30.43
C ILE H 95 -2.72 22.68 -29.22
N GLN H 96 -3.15 23.93 -29.42
CA GLN H 96 -3.70 24.70 -28.31
C GLN H 96 -4.96 24.05 -27.75
N THR H 97 -5.86 23.62 -28.63
CA THR H 97 -7.09 22.98 -28.16
C THR H 97 -6.80 21.68 -27.44
N ALA H 98 -5.84 20.89 -27.94
CA ALA H 98 -5.47 19.65 -27.26
C ALA H 98 -4.86 19.93 -25.90
N VAL H 99 -4.05 20.99 -25.79
CA VAL H 99 -3.46 21.35 -24.51
C VAL H 99 -4.55 21.74 -23.52
N ARG H 100 -5.54 22.51 -23.97
CA ARG H 100 -6.63 22.90 -23.08
C ARG H 100 -7.45 21.69 -22.65
N LEU H 101 -7.69 20.73 -23.57
CA LEU H 101 -8.45 19.54 -23.21
C LEU H 101 -7.70 18.67 -22.20
N LEU H 102 -6.39 18.50 -22.39
CA LEU H 102 -5.65 17.54 -21.59
C LEU H 102 -5.05 18.09 -20.31
N LEU H 103 -4.79 19.40 -20.24
CA LEU H 103 -4.16 19.86 -19.00
C LEU H 103 -5.21 20.44 -18.06
N PRO H 104 -5.09 20.18 -16.75
CA PRO H 104 -6.20 20.45 -15.82
C PRO H 104 -6.55 21.91 -15.56
N GLY H 105 -5.58 22.73 -15.14
CA GLY H 105 -5.91 24.04 -14.63
C GLY H 105 -4.98 25.18 -14.99
N GLU H 106 -4.45 25.82 -13.95
CA GLU H 106 -3.43 26.85 -14.15
C GLU H 106 -2.24 26.28 -14.91
N LEU H 107 -2.02 24.97 -14.83
CA LEU H 107 -1.06 24.31 -15.72
C LEU H 107 -1.42 24.60 -17.18
N ALA H 108 -2.69 24.39 -17.54
CA ALA H 108 -3.12 24.66 -18.91
C ALA H 108 -2.95 26.13 -19.26
N LYS H 109 -3.30 27.03 -18.33
CA LYS H 109 -3.20 28.46 -18.61
C LYS H 109 -1.76 28.87 -18.90
N HIS H 110 -0.84 28.44 -18.02
CA HIS H 110 0.56 28.83 -18.20
C HIS H 110 1.16 28.19 -19.44
N ALA H 111 0.81 26.92 -19.73
CA ALA H 111 1.33 26.28 -20.92
C ALA H 111 0.86 26.99 -22.18
N VAL H 112 -0.41 27.42 -22.20
CA VAL H 112 -0.93 28.15 -23.36
C VAL H 112 -0.18 29.46 -23.54
N SER H 113 0.03 30.20 -22.45
CA SER H 113 0.75 31.46 -22.56
C SER H 113 2.17 31.25 -23.07
N GLU H 114 2.86 30.23 -22.56
CA GLU H 114 4.23 29.96 -22.99
C GLU H 114 4.29 29.61 -24.47
N GLY H 115 3.39 28.75 -24.93
CA GLY H 115 3.38 28.38 -26.33
C GLY H 115 3.10 29.56 -27.23
N THR H 116 2.15 30.41 -26.84
CA THR H 116 1.86 31.60 -27.65
C THR H 116 3.06 32.53 -27.72
N LYS H 117 3.76 32.71 -26.59
CA LYS H 117 4.97 33.53 -26.59
C LYS H 117 6.02 32.98 -27.55
N ALA H 118 6.24 31.66 -27.50
CA ALA H 118 7.25 31.07 -28.36
C ALA H 118 6.90 31.23 -29.84
N VAL H 119 5.63 31.00 -30.19
CA VAL H 119 5.24 31.11 -31.59
C VAL H 119 5.31 32.55 -32.06
N THR H 120 4.94 33.51 -31.21
CA THR H 120 5.05 34.92 -31.58
C THR H 120 6.50 35.31 -31.84
N LYS H 121 7.40 34.90 -30.94
CA LYS H 121 8.81 35.23 -31.12
C LYS H 121 9.37 34.60 -32.40
N TYR H 122 9.00 33.35 -32.67
CA TYR H 122 9.48 32.68 -33.88
C TYR H 122 8.98 33.37 -35.14
N THR H 123 7.68 33.71 -35.17
CA THR H 123 7.11 34.32 -36.37
C THR H 123 7.66 35.73 -36.60
N SER H 124 7.78 36.54 -35.55
CA SER H 124 8.26 37.91 -35.72
C SER H 124 9.69 37.92 -36.22
N ALA H 125 10.55 37.05 -35.68
CA ALA H 125 11.94 36.98 -36.09
C ALA H 125 12.07 36.19 -37.40
N GLU K 11 -5.19 29.31 -5.11
CA GLU K 11 -3.93 30.05 -4.97
C GLU K 11 -3.04 29.87 -6.20
N ARG K 12 -2.39 30.95 -6.59
CA ARG K 12 -1.51 30.92 -7.75
C ARG K 12 -0.30 30.02 -7.49
N LYS K 13 0.21 29.42 -8.57
CA LYS K 13 1.40 28.58 -8.45
C LYS K 13 2.60 29.40 -7.99
N ALA K 14 2.79 30.59 -8.58
CA ALA K 14 3.89 31.45 -8.15
C ALA K 14 3.64 32.01 -6.77
N ALA K 15 2.40 32.42 -6.48
CA ALA K 15 2.08 32.90 -5.14
C ALA K 15 2.22 31.79 -4.10
N GLU K 16 2.22 30.53 -4.53
CA GLU K 16 2.43 29.40 -3.65
C GLU K 16 3.92 29.09 -3.44
N ARG K 17 4.78 30.07 -3.66
CA ARG K 17 6.21 29.92 -3.41
C ARG K 17 6.61 30.41 -2.02
N VAL K 18 5.63 30.57 -1.12
CA VAL K 18 5.93 30.89 0.27
C VAL K 18 6.58 29.72 0.99
N ARG K 19 6.41 28.50 0.47
CA ARG K 19 7.09 27.37 1.10
C ARG K 19 8.60 27.49 0.98
N ARG K 20 9.09 28.17 -0.06
CA ARG K 20 10.53 28.33 -0.18
C ARG K 20 11.09 29.21 0.93
N LEU K 21 10.42 30.34 1.21
CA LEU K 21 10.87 31.18 2.31
C LEU K 21 10.67 30.48 3.65
N ARG K 22 9.59 29.72 3.79
CA ARG K 22 9.38 28.95 5.02
C ARG K 22 10.53 27.97 5.25
N GLU K 23 10.87 27.19 4.23
CA GLU K 23 11.96 26.22 4.35
C GLU K 23 13.28 26.92 4.60
N GLU K 24 13.53 28.05 3.93
CA GLU K 24 14.77 28.78 4.12
C GLU K 24 14.92 29.24 5.56
N GLN K 25 13.88 29.86 6.11
CA GLN K 25 13.95 30.35 7.49
C GLN K 25 14.11 29.18 8.46
N GLN K 26 13.38 28.08 8.24
CA GLN K 26 13.46 26.95 9.15
C GLN K 26 14.85 26.33 9.15
N ARG K 27 15.37 26.03 7.96
CA ARG K 27 16.69 25.42 7.87
C ARG K 27 17.76 26.35 8.43
N GLU K 28 17.66 27.65 8.13
CA GLU K 28 18.63 28.60 8.65
C GLU K 28 18.64 28.60 10.17
N ARG K 29 17.47 28.75 10.80
CA ARG K 29 17.45 28.84 12.25
C ARG K 29 17.93 27.53 12.87
N LEU K 30 17.51 26.39 12.33
CA LEU K 30 17.88 25.12 12.96
C LEU K 30 19.38 24.87 12.85
N ARG K 31 19.94 25.03 11.66
CA ARG K 31 21.37 24.76 11.50
C ARG K 31 22.20 25.79 12.27
N GLN K 32 21.76 27.05 12.30
CA GLN K 32 22.50 28.07 13.04
C GLN K 32 22.53 27.75 14.53
N VAL K 33 21.38 27.47 15.12
CA VAL K 33 21.35 27.21 16.56
C VAL K 33 22.12 25.93 16.89
N SER K 34 22.00 24.91 16.03
CA SER K 34 22.71 23.66 16.29
C SER K 34 24.22 23.87 16.26
N ARG K 35 24.73 24.49 15.20
CA ARG K 35 26.17 24.66 15.07
C ARG K 35 26.72 25.76 15.99
N ILE K 36 25.86 26.59 16.56
CA ILE K 36 26.32 27.59 17.53
C ILE K 36 26.36 27.02 18.94
N LEU K 37 25.31 26.33 19.36
CA LEU K 37 25.28 25.79 20.71
C LEU K 37 26.06 24.49 20.84
N ARG K 38 26.41 23.84 19.73
CA ARG K 38 27.23 22.64 19.82
C ARG K 38 28.65 22.94 20.25
N LYS K 39 29.08 24.20 20.24
CA LYS K 39 30.42 24.57 20.63
C LYS K 39 30.50 24.72 22.15
N ALA K 40 31.50 24.08 22.74
CA ALA K 40 31.70 24.18 24.18
C ALA K 40 32.15 25.58 24.56
N ALA K 41 31.58 26.11 25.65
CA ALA K 41 31.91 27.46 26.07
C ALA K 41 33.38 27.57 26.49
N ALA K 42 33.89 26.55 27.18
CA ALA K 42 35.28 26.58 27.64
C ALA K 42 36.26 26.52 26.47
N GLU K 43 35.85 25.95 25.34
CA GLU K 43 36.68 25.85 24.16
C GLU K 43 36.38 26.94 23.13
N ARG K 44 35.56 27.91 23.48
CA ARG K 44 35.17 28.97 22.57
C ARG K 44 35.96 30.25 22.88
N SER K 45 36.12 31.08 21.85
CA SER K 45 36.83 32.34 21.99
C SER K 45 35.90 33.41 22.57
N ALA K 46 36.46 34.60 22.79
CA ALA K 46 35.65 35.71 23.30
C ALA K 46 34.66 36.20 22.25
N GLU K 47 35.14 36.43 21.02
CA GLU K 47 34.27 36.92 19.96
C GLU K 47 33.17 35.92 19.63
N GLU K 48 33.54 34.64 19.52
CA GLU K 48 32.59 33.56 19.29
C GLU K 48 32.35 32.88 20.63
N GLY K 49 31.40 33.41 21.40
CA GLY K 49 31.14 32.88 22.73
C GLY K 49 30.76 33.95 23.73
N ARG K 50 30.91 35.22 23.36
CA ARG K 50 30.44 36.29 24.24
C ARG K 50 28.94 36.25 24.40
N LEU K 51 28.21 35.99 23.32
CA LEU K 51 26.75 36.01 23.31
C LEU K 51 26.16 34.60 23.30
N LEU K 52 26.80 33.68 24.04
CA LEU K 52 26.26 32.32 24.13
C LEU K 52 24.90 32.31 24.82
N ALA K 53 24.69 33.20 25.79
CA ALA K 53 23.45 33.23 26.55
C ALA K 53 22.33 33.97 25.84
N GLU K 54 22.57 34.49 24.63
CA GLU K 54 21.52 35.19 23.89
C GLU K 54 20.34 34.26 23.60
N SER K 55 20.63 33.02 23.19
CA SER K 55 19.59 32.02 22.98
C SER K 55 19.30 31.34 24.32
N ALA K 56 18.43 31.98 25.10
CA ALA K 56 18.15 31.50 26.45
C ALA K 56 17.52 30.11 26.43
N ASP K 57 16.52 29.92 25.56
CA ASP K 57 15.85 28.62 25.49
C ASP K 57 16.81 27.52 25.03
N LEU K 58 17.63 27.82 24.02
CA LEU K 58 18.64 26.86 23.59
C LEU K 58 19.61 26.56 24.72
N VAL K 59 20.05 27.59 25.45
CA VAL K 59 21.02 27.39 26.52
C VAL K 59 20.45 26.46 27.58
N THR K 60 19.22 26.74 28.04
CA THR K 60 18.66 25.91 29.09
C THR K 60 18.37 24.49 28.58
N GLU K 61 17.95 24.36 27.32
CA GLU K 61 17.65 23.02 26.80
C GLU K 61 18.89 22.15 26.76
N LEU K 62 19.97 22.65 26.15
CA LEU K 62 21.21 21.86 26.11
C LEU K 62 21.83 21.69 27.49
N GLN K 63 21.72 22.70 28.37
CA GLN K 63 22.25 22.53 29.72
C GLN K 63 21.53 21.43 30.48
N GLY K 64 20.20 21.40 30.38
CA GLY K 64 19.44 20.33 31.03
C GLY K 64 19.72 18.98 30.42
N ARG K 65 19.85 18.92 29.09
CA ARG K 65 20.17 17.65 28.44
C ARG K 65 21.52 17.12 28.93
N SER K 66 22.53 17.98 28.96
CA SER K 66 23.84 17.54 29.44
C SER K 66 23.81 17.19 30.92
N ARG K 67 23.04 17.95 31.71
CA ARG K 67 22.93 17.67 33.14
C ARG K 67 22.36 16.27 33.37
N ARG K 68 21.26 15.96 32.71
CA ARG K 68 20.71 14.61 32.81
C ARG K 68 21.68 13.57 32.25
N ARG K 69 22.47 13.94 31.24
CA ARG K 69 23.40 13.00 30.64
C ARG K 69 24.46 12.57 31.64
N GLU K 70 25.16 13.52 32.27
CA GLU K 70 26.16 13.07 33.23
C GLU K 70 25.55 12.66 34.56
N GLY K 71 24.29 13.01 34.83
CA GLY K 71 23.60 12.39 35.96
C GLY K 71 23.40 10.91 35.76
N LEU K 72 22.93 10.52 34.56
CA LEU K 72 22.79 9.10 34.25
C LEU K 72 24.15 8.41 34.20
N LYS K 73 25.17 9.09 33.66
CA LYS K 73 26.50 8.50 33.60
C LYS K 73 27.10 8.29 34.99
N ARG K 74 26.94 9.27 35.88
CA ARG K 74 27.66 9.24 37.15
C ARG K 74 27.24 8.09 38.05
N ARG K 75 26.05 7.54 37.84
CA ARG K 75 25.56 6.45 38.67
C ARG K 75 26.05 5.08 38.21
N GLN K 76 26.83 5.01 37.14
CA GLN K 76 27.30 3.75 36.59
C GLN K 76 28.74 3.44 36.98
N GLU K 77 29.31 4.16 37.94
CA GLU K 77 30.67 3.91 38.39
C GLU K 77 30.68 3.61 39.88
N GLU K 78 31.77 2.98 40.32
CA GLU K 78 31.91 2.59 41.71
C GLU K 78 32.00 3.81 42.62
N VAL K 79 31.25 3.77 43.72
CA VAL K 79 31.30 4.80 44.76
C VAL K 79 31.74 4.13 46.04
N CYS K 80 32.80 4.63 46.64
CA CYS K 80 33.40 4.03 47.84
C CYS K 80 33.49 5.06 48.95
N ASP K 81 33.60 4.56 50.18
CA ASP K 81 33.73 5.40 51.36
C ASP K 81 35.09 5.16 52.01
N ASP K 82 35.68 6.23 52.54
CA ASP K 82 36.97 6.11 53.19
C ASP K 82 36.86 5.27 54.45
N PRO K 83 37.95 4.62 54.87
CA PRO K 83 37.86 3.68 56.00
C PRO K 83 37.36 4.31 57.29
N GLU K 84 37.58 5.61 57.50
CA GLU K 84 37.08 6.25 58.71
C GLU K 84 35.55 6.24 58.74
N GLU K 85 34.92 6.65 57.63
CA GLU K 85 33.47 6.61 57.56
C GLU K 85 32.95 5.19 57.62
N LEU K 86 33.67 4.25 57.01
CA LEU K 86 33.25 2.85 57.03
C LEU K 86 33.23 2.31 58.45
N ARG K 87 34.29 2.59 59.22
CA ARG K 87 34.33 2.10 60.60
C ARG K 87 33.37 2.86 61.49
N GLY K 88 33.04 4.11 61.14
CA GLY K 88 31.98 4.80 61.85
C GLY K 88 30.61 4.19 61.59
N LYS K 89 30.34 3.81 60.35
CA LYS K 89 29.05 3.23 60.00
C LYS K 89 28.89 1.81 60.52
N VAL K 90 29.99 1.04 60.58
CA VAL K 90 29.87 -0.36 60.97
C VAL K 90 29.43 -0.48 62.42
N ARG K 91 29.83 0.45 63.29
CA ARG K 91 29.39 0.40 64.67
C ARG K 91 27.87 0.58 64.78
N GLU K 92 27.33 1.55 64.05
CA GLU K 92 25.89 1.74 64.07
C GLU K 92 25.16 0.56 63.43
N LEU K 93 25.74 -0.03 62.39
CA LEU K 93 25.13 -1.20 61.78
C LEU K 93 25.09 -2.37 62.75
N ALA K 94 26.18 -2.58 63.49
CA ALA K 94 26.21 -3.63 64.50
C ALA K 94 25.19 -3.37 65.60
N SER K 95 25.07 -2.12 66.04
CA SER K 95 24.07 -1.79 67.05
C SER K 95 22.66 -2.08 66.54
N ALA K 96 22.40 -1.71 65.28
CA ALA K 96 21.07 -1.96 64.70
C ALA K 96 20.78 -3.45 64.60
N VAL K 97 21.77 -4.24 64.17
CA VAL K 97 21.53 -5.67 64.05
C VAL K 97 21.36 -6.31 65.42
N ARG K 98 22.05 -5.81 66.44
CA ARG K 98 21.85 -6.31 67.80
C ARG K 98 20.46 -5.97 68.31
N ASN K 99 19.99 -4.76 68.03
CA ASN K 99 18.65 -4.34 68.45
C ASN K 99 17.55 -4.91 67.57
N ALA K 100 17.89 -5.50 66.43
CA ALA K 100 16.87 -6.01 65.52
C ALA K 100 16.15 -7.20 66.12
N LYS K 101 14.85 -7.30 65.83
CA LYS K 101 14.03 -8.42 66.30
C LYS K 101 13.86 -9.49 65.23
N TYR K 102 13.33 -9.12 64.07
CA TYR K 102 13.12 -10.04 62.96
C TYR K 102 13.80 -9.46 61.72
N LEU K 103 14.95 -10.03 61.36
CA LEU K 103 15.74 -9.56 60.23
C LEU K 103 15.80 -10.63 59.16
N VAL K 104 15.54 -10.24 57.91
CA VAL K 104 15.70 -11.10 56.75
C VAL K 104 16.83 -10.55 55.91
N VAL K 105 17.55 -11.44 55.24
CA VAL K 105 18.75 -11.08 54.49
C VAL K 105 18.51 -11.37 53.01
N TYR K 106 18.61 -10.35 52.18
CA TYR K 106 18.53 -10.51 50.73
C TYR K 106 19.93 -10.57 50.15
N THR K 107 20.08 -11.34 49.07
CA THR K 107 21.38 -11.60 48.49
C THR K 107 21.33 -11.39 46.98
N GLY K 108 22.50 -11.13 46.41
CA GLY K 108 22.62 -10.91 44.98
C GLY K 108 23.94 -11.37 44.40
N ALA K 109 24.25 -10.94 43.18
CA ALA K 109 25.44 -11.43 42.49
C ALA K 109 26.74 -10.91 43.10
N GLY K 110 26.70 -9.79 43.82
CA GLY K 110 27.93 -9.23 44.35
C GLY K 110 28.56 -10.06 45.45
N ILE K 111 27.74 -10.84 46.17
CA ILE K 111 28.27 -11.63 47.28
C ILE K 111 29.24 -12.70 46.78
N SER K 112 28.89 -13.39 45.71
CA SER K 112 29.71 -14.46 45.16
C SER K 112 30.80 -13.94 44.22
N THR K 113 30.88 -12.63 44.00
CA THR K 113 31.90 -12.07 43.13
C THR K 113 33.30 -12.39 43.63
N ALA K 114 33.47 -12.50 44.95
CA ALA K 114 34.77 -12.85 45.51
C ALA K 114 35.23 -14.25 45.10
N ALA K 115 34.31 -15.10 44.63
CA ALA K 115 34.65 -16.41 44.12
C ALA K 115 34.94 -16.41 42.62
N SER K 116 35.32 -15.25 42.07
CA SER K 116 35.62 -15.10 40.65
C SER K 116 34.44 -15.54 39.77
N ILE K 117 33.24 -15.18 40.18
CA ILE K 117 32.02 -15.50 39.45
C ILE K 117 31.56 -14.24 38.73
N PRO K 118 31.25 -14.32 37.44
CA PRO K 118 30.89 -13.10 36.69
C PRO K 118 29.59 -12.48 37.19
N ASP K 119 29.48 -11.17 36.99
CA ASP K 119 28.31 -10.40 37.36
C ASP K 119 27.68 -9.81 36.11
N TYR K 120 26.55 -9.12 36.31
CA TYR K 120 25.81 -8.52 35.20
C TYR K 120 25.74 -7.01 35.35
N ASP K 140 33.93 -23.01 32.94
CA ASP K 140 33.36 -23.87 33.96
C ASP K 140 32.95 -23.07 35.18
N LEU K 141 31.86 -23.50 35.83
CA LEU K 141 31.39 -22.86 37.05
C LEU K 141 31.35 -23.80 38.25
N SER K 142 31.70 -25.08 38.06
CA SER K 142 31.68 -26.05 39.14
C SER K 142 32.91 -25.97 40.04
N GLU K 143 33.96 -25.26 39.63
CA GLU K 143 35.17 -25.14 40.42
C GLU K 143 35.04 -24.14 41.56
N ALA K 144 33.93 -23.40 41.63
CA ALA K 144 33.77 -22.40 42.65
C ALA K 144 33.58 -23.04 44.03
N GLU K 145 33.90 -22.27 45.07
CA GLU K 145 33.78 -22.68 46.45
C GLU K 145 33.10 -21.58 47.24
N PRO K 146 32.46 -21.91 48.36
CA PRO K 146 31.85 -20.86 49.19
C PRO K 146 32.89 -19.87 49.70
N THR K 147 32.49 -18.61 49.77
CA THR K 147 33.38 -17.54 50.18
C THR K 147 33.23 -17.29 51.68
N LEU K 148 33.87 -16.22 52.17
CA LEU K 148 33.76 -15.87 53.58
C LEU K 148 32.37 -15.35 53.93
N THR K 149 31.73 -14.63 53.00
CA THR K 149 30.43 -14.03 53.28
C THR K 149 29.38 -15.09 53.57
N HIS K 150 29.39 -16.20 52.82
CA HIS K 150 28.43 -17.26 53.06
C HIS K 150 28.62 -17.90 54.43
N MET K 151 29.88 -18.10 54.83
CA MET K 151 30.16 -18.65 56.16
C MET K 151 29.71 -17.69 57.25
N SER K 152 29.93 -16.39 57.04
CA SER K 152 29.45 -15.40 58.00
C SER K 152 27.94 -15.41 58.10
N ILE K 153 27.26 -15.56 56.96
CA ILE K 153 25.79 -15.65 56.97
C ILE K 153 25.33 -16.88 57.74
N THR K 154 25.99 -18.02 57.52
CA THR K 154 25.61 -19.23 58.25
C THR K 154 25.82 -19.06 59.75
N ARG K 155 26.96 -18.50 60.15
CA ARG K 155 27.24 -18.29 61.57
C ARG K 155 26.25 -17.32 62.20
N LEU K 156 25.85 -16.29 61.45
CA LEU K 156 24.82 -15.38 61.93
C LEU K 156 23.49 -16.09 62.09
N HIS K 157 23.15 -16.97 61.14
CA HIS K 157 21.87 -17.66 61.20
C HIS K 157 21.80 -18.62 62.38
N GLU K 158 22.90 -19.30 62.68
CA GLU K 158 22.86 -20.24 63.80
C GLU K 158 22.92 -19.57 65.16
N GLN K 159 22.92 -18.24 65.20
CA GLN K 159 22.87 -17.49 66.46
C GLN K 159 21.57 -16.73 66.64
N LYS K 160 20.53 -17.08 65.87
CA LYS K 160 19.19 -16.51 65.96
C LYS K 160 19.17 -15.09 65.39
N LEU K 161 20.34 -14.53 65.08
CA LEU K 161 20.40 -13.19 64.54
C LEU K 161 19.75 -13.11 63.15
N VAL K 162 19.99 -14.11 62.32
CA VAL K 162 19.44 -14.17 60.96
C VAL K 162 18.47 -15.35 60.90
N GLN K 163 17.26 -15.10 60.38
CA GLN K 163 16.22 -16.10 60.32
C GLN K 163 15.93 -16.59 58.91
N HIS K 164 15.68 -15.68 57.97
CA HIS K 164 15.36 -16.06 56.60
C HIS K 164 16.29 -15.34 55.63
N VAL K 165 16.70 -16.07 54.59
CA VAL K 165 17.59 -15.56 53.56
C VAL K 165 16.92 -15.77 52.21
N VAL K 166 16.81 -14.69 51.42
CA VAL K 166 16.34 -14.75 50.06
C VAL K 166 17.51 -14.49 49.14
N SER K 167 17.62 -15.26 48.06
CA SER K 167 18.74 -15.13 47.14
C SER K 167 18.26 -15.18 45.71
N GLN K 168 19.06 -14.59 44.81
CA GLN K 168 18.84 -14.66 43.39
C GLN K 168 19.98 -15.37 42.65
N ASN K 169 21.00 -15.82 43.36
CA ASN K 169 22.11 -16.53 42.74
C ASN K 169 21.71 -17.96 42.41
N CYS K 170 22.27 -18.47 41.32
CA CYS K 170 22.01 -19.83 40.86
C CYS K 170 23.21 -20.75 41.01
N ASP K 171 24.34 -20.25 41.51
CA ASP K 171 25.52 -21.09 41.64
C ASP K 171 25.31 -22.20 42.66
N GLY K 172 24.62 -21.90 43.76
CA GLY K 172 24.39 -22.89 44.78
C GLY K 172 25.41 -22.91 45.91
N LEU K 173 26.22 -21.86 46.05
CA LEU K 173 27.19 -21.81 47.13
C LEU K 173 26.51 -21.76 48.50
N HIS K 174 25.28 -21.25 48.55
CA HIS K 174 24.54 -21.25 49.81
C HIS K 174 24.24 -22.66 50.28
N LEU K 175 23.92 -23.56 49.34
CA LEU K 175 23.70 -24.96 49.71
C LEU K 175 24.97 -25.59 50.25
N ARG K 176 26.11 -25.33 49.60
CA ARG K 176 27.39 -25.89 50.06
C ARG K 176 27.85 -25.26 51.37
N SER K 177 27.39 -24.06 51.69
CA SER K 177 27.81 -23.42 52.93
C SER K 177 27.38 -24.23 54.15
N GLY K 178 26.16 -24.73 54.15
CA GLY K 178 25.64 -25.48 55.28
C GLY K 178 24.33 -24.90 55.79
N LEU K 179 23.83 -23.88 55.10
CA LEU K 179 22.58 -23.25 55.50
C LEU K 179 21.42 -24.22 55.26
N PRO K 180 20.56 -24.46 56.24
CA PRO K 180 19.44 -25.37 56.04
C PRO K 180 18.49 -24.84 54.97
N ARG K 181 17.98 -25.77 54.14
CA ARG K 181 17.11 -25.38 53.03
C ARG K 181 15.74 -24.91 53.50
N THR K 182 15.37 -25.20 54.75
CA THR K 182 14.06 -24.77 55.24
C THR K 182 13.98 -23.26 55.41
N ALA K 183 15.11 -22.59 55.56
CA ALA K 183 15.15 -21.16 55.80
C ALA K 183 15.62 -20.36 54.58
N ILE K 184 15.76 -21.00 53.43
CA ILE K 184 16.19 -20.32 52.21
C ILE K 184 15.17 -20.56 51.12
N SER K 185 15.16 -19.66 50.14
CA SER K 185 14.24 -19.80 49.00
C SER K 185 14.87 -19.06 47.82
N GLU K 186 15.48 -19.83 46.90
CA GLU K 186 16.08 -19.26 45.71
C GLU K 186 14.99 -19.09 44.66
N LEU K 187 14.52 -17.85 44.48
CA LEU K 187 13.35 -17.57 43.67
C LEU K 187 13.58 -17.80 42.18
N HIS K 188 14.82 -18.03 41.75
CA HIS K 188 15.11 -18.27 40.35
C HIS K 188 15.63 -19.67 40.08
N GLY K 189 15.50 -20.59 41.03
CA GLY K 189 15.92 -21.96 40.84
C GLY K 189 17.35 -22.21 41.25
N ASN K 190 17.77 -23.45 41.02
CA ASN K 190 19.12 -23.90 41.34
C ASN K 190 19.65 -24.75 40.19
N MET K 191 20.98 -24.81 40.09
CA MET K 191 21.63 -25.58 39.04
C MET K 191 22.08 -26.95 39.53
N TYR K 192 21.80 -27.32 40.78
CA TYR K 192 22.25 -28.59 41.34
C TYR K 192 21.10 -29.48 41.77
N ILE K 193 19.86 -29.18 41.37
CA ILE K 193 18.68 -29.92 41.81
C ILE K 193 17.90 -30.37 40.58
N GLU K 194 17.32 -31.56 40.66
CA GLU K 194 16.39 -32.06 39.65
C GLU K 194 15.05 -32.33 40.31
N VAL K 195 13.97 -32.13 39.56
CA VAL K 195 12.63 -32.25 40.11
C VAL K 195 11.79 -33.16 39.23
N CYS K 196 10.79 -33.80 39.84
CA CYS K 196 9.80 -34.60 39.13
C CYS K 196 8.43 -34.23 39.68
N THR K 197 7.51 -33.91 38.77
CA THR K 197 6.17 -33.45 39.14
C THR K 197 5.09 -34.51 38.99
N SER K 198 5.43 -35.69 38.46
CA SER K 198 4.43 -36.75 38.32
C SER K 198 3.92 -37.20 39.68
N CYS K 199 4.81 -37.31 40.67
CA CYS K 199 4.40 -37.68 42.02
C CYS K 199 3.47 -36.61 42.60
N VAL K 200 2.49 -37.06 43.37
CA VAL K 200 1.53 -36.11 43.97
C VAL K 200 2.23 -35.11 44.91
N PRO K 201 3.11 -35.53 45.83
CA PRO K 201 3.84 -34.55 46.64
C PRO K 201 5.04 -33.95 45.96
N ASN K 202 5.34 -34.37 44.71
CA ASN K 202 6.49 -33.94 43.94
C ASN K 202 7.79 -34.45 44.55
N ARG K 203 8.80 -34.69 43.72
CA ARG K 203 10.05 -35.27 44.19
C ARG K 203 11.23 -34.42 43.77
N GLU K 204 12.24 -34.38 44.62
CA GLU K 204 13.46 -33.63 44.37
C GLU K 204 14.66 -34.54 44.53
N TYR K 205 15.73 -34.21 43.82
CA TYR K 205 16.97 -34.98 43.89
C TYR K 205 18.17 -34.04 43.79
N VAL K 206 19.12 -34.20 44.70
CA VAL K 206 20.34 -33.41 44.67
C VAL K 206 21.32 -34.07 43.71
N ARG K 207 21.86 -33.27 42.79
CA ARG K 207 22.81 -33.75 41.80
C ARG K 207 24.11 -32.96 41.95
N VAL K 208 25.24 -33.67 41.95
CA VAL K 208 26.52 -33.00 42.13
C VAL K 208 26.86 -32.15 40.91
N PHE K 209 26.56 -32.65 39.71
CA PHE K 209 26.82 -31.90 38.49
C PHE K 209 25.60 -31.08 38.09
N ASP K 210 25.85 -30.08 37.24
CA ASP K 210 24.80 -29.17 36.81
C ASP K 210 23.93 -29.78 35.72
N VAL K 211 22.76 -29.19 35.52
CA VAL K 211 21.81 -29.63 34.51
C VAL K 211 21.52 -28.53 33.49
N THR K 212 22.40 -27.53 33.42
CA THR K 212 22.15 -26.32 32.64
C THR K 212 22.66 -26.40 31.20
N GLU K 213 23.14 -27.57 30.77
CA GLU K 213 23.75 -27.68 29.45
C GLU K 213 22.75 -27.42 28.33
N ARG K 214 21.58 -28.04 28.41
CA ARG K 214 20.63 -28.02 27.31
C ARG K 214 19.30 -27.41 27.74
N THR K 215 19.35 -26.27 28.42
CA THR K 215 18.17 -25.60 28.93
C THR K 215 17.88 -24.35 28.12
N ALA K 216 16.62 -24.18 27.71
CA ALA K 216 16.19 -23.00 26.98
C ALA K 216 14.78 -22.64 27.44
N LEU K 217 14.22 -21.59 26.85
CA LEU K 217 12.89 -21.16 27.22
C LEU K 217 11.88 -22.22 26.80
N HIS K 218 11.03 -22.62 27.75
CA HIS K 218 9.97 -23.60 27.60
C HIS K 218 10.49 -25.01 27.37
N ARG K 219 11.79 -25.22 27.30
CA ARG K 219 12.39 -26.54 27.11
C ARG K 219 13.05 -26.92 28.43
N HIS K 220 12.27 -27.50 29.34
CA HIS K 220 12.72 -27.87 30.67
C HIS K 220 12.64 -29.39 30.79
N GLN K 221 13.68 -30.07 30.32
CA GLN K 221 13.74 -31.53 30.36
C GLN K 221 15.18 -31.93 30.61
N THR K 222 15.44 -32.60 31.74
CA THR K 222 16.79 -33.02 32.05
C THR K 222 17.29 -34.08 31.08
N GLY K 223 16.39 -34.90 30.54
CA GLY K 223 16.81 -36.01 29.70
C GLY K 223 17.60 -37.06 30.44
N ARG K 224 17.19 -37.38 31.66
CA ARG K 224 17.90 -38.33 32.49
C ARG K 224 16.89 -39.23 33.21
N THR K 225 17.32 -40.45 33.50
CA THR K 225 16.45 -41.40 34.18
C THR K 225 16.22 -40.97 35.62
N CYS K 226 14.99 -41.16 36.09
CA CYS K 226 14.61 -40.80 37.46
C CYS K 226 15.06 -41.91 38.41
N HIS K 227 14.55 -41.88 39.64
CA HIS K 227 14.82 -42.93 40.61
C HIS K 227 13.82 -44.08 40.46
N LYS K 228 12.53 -43.81 40.69
CA LYS K 228 11.51 -44.81 40.54
C LYS K 228 10.24 -44.29 39.86
N CYS K 229 10.21 -43.02 39.43
CA CYS K 229 8.97 -42.44 38.96
C CYS K 229 8.56 -42.96 37.60
N GLY K 230 9.52 -43.34 36.77
CA GLY K 230 9.21 -43.75 35.41
C GLY K 230 9.08 -42.62 34.42
N THR K 231 9.39 -41.38 34.83
CA THR K 231 9.35 -40.22 33.94
C THR K 231 10.65 -39.46 34.05
N GLN K 232 11.04 -38.83 32.95
CA GLN K 232 12.26 -38.03 32.93
C GLN K 232 12.07 -36.78 33.77
N LEU K 233 13.14 -36.36 34.44
CA LEU K 233 13.08 -35.21 35.32
C LEU K 233 13.19 -33.92 34.52
N ARG K 234 13.05 -32.79 35.21
CA ARG K 234 13.21 -31.47 34.60
C ARG K 234 14.09 -30.62 35.51
N ASP K 235 14.69 -29.59 34.92
CA ASP K 235 15.56 -28.69 35.66
C ASP K 235 14.70 -27.75 36.53
N THR K 236 15.34 -26.77 37.15
CA THR K 236 14.66 -25.86 38.06
C THR K 236 14.89 -24.40 37.73
N ILE K 237 15.65 -24.08 36.69
CA ILE K 237 15.99 -22.70 36.38
C ILE K 237 14.78 -21.98 35.82
N VAL K 238 14.62 -20.71 36.22
CA VAL K 238 13.55 -19.85 35.73
C VAL K 238 14.17 -18.83 34.79
N HIS K 239 13.66 -18.77 33.56
CA HIS K 239 14.13 -17.81 32.57
C HIS K 239 13.18 -16.63 32.50
N PHE K 240 13.62 -15.58 31.80
CA PHE K 240 12.80 -14.39 31.65
C PHE K 240 11.51 -14.71 30.91
N GLY K 241 10.38 -14.28 31.47
CA GLY K 241 9.08 -14.59 30.92
C GLY K 241 8.42 -15.81 31.51
N GLU K 242 9.16 -16.66 32.21
CA GLU K 242 8.60 -17.85 32.84
C GLU K 242 8.08 -17.54 34.22
N ARG K 243 7.05 -18.26 34.62
CA ARG K 243 6.42 -18.10 35.93
C ARG K 243 6.72 -19.33 36.78
N GLY K 244 7.28 -19.10 37.96
CA GLY K 244 7.61 -20.18 38.87
C GLY K 244 6.41 -20.94 39.37
N THR K 245 6.48 -22.27 39.34
CA THR K 245 5.38 -23.11 39.80
C THR K 245 5.79 -24.16 40.82
N LEU K 246 7.07 -24.49 40.95
CA LEU K 246 7.50 -25.49 41.91
C LEU K 246 7.46 -24.92 43.33
N GLY K 247 7.77 -25.77 44.31
CA GLY K 247 7.82 -25.32 45.68
C GLY K 247 9.00 -25.86 46.46
N GLN K 248 9.77 -26.77 45.87
CA GLN K 248 10.89 -27.36 46.59
C GLN K 248 12.10 -26.43 46.62
N PRO K 249 12.64 -25.98 45.45
CA PRO K 249 13.82 -25.11 45.51
C PRO K 249 13.48 -23.63 45.66
N LEU K 250 12.32 -23.22 45.16
CA LEU K 250 11.88 -21.83 45.19
C LEU K 250 10.56 -21.78 45.94
N ASN K 251 10.64 -21.67 47.27
CA ASN K 251 9.46 -21.66 48.13
C ASN K 251 8.95 -20.23 48.18
N TRP K 252 7.76 -19.99 47.64
CA TRP K 252 7.19 -18.66 47.51
C TRP K 252 6.21 -18.33 48.62
N GLU K 253 6.15 -19.13 49.67
CA GLU K 253 5.28 -18.86 50.81
C GLU K 253 6.05 -18.37 52.03
N ALA K 254 7.09 -19.10 52.44
CA ALA K 254 7.85 -18.69 53.62
C ALA K 254 8.61 -17.40 53.36
N ALA K 255 9.09 -17.19 52.13
CA ALA K 255 9.80 -15.94 51.82
C ALA K 255 8.87 -14.74 51.98
N THR K 256 7.66 -14.82 51.41
CA THR K 256 6.70 -13.74 51.57
C THR K 256 6.31 -13.55 53.02
N GLU K 257 6.10 -14.64 53.75
CA GLU K 257 5.72 -14.54 55.16
C GLU K 257 6.82 -13.85 55.98
N ALA K 258 8.07 -14.26 55.77
CA ALA K 258 9.18 -13.66 56.50
C ALA K 258 9.33 -12.18 56.15
N ALA K 259 9.24 -11.85 54.86
CA ALA K 259 9.35 -10.45 54.47
C ALA K 259 8.23 -9.61 55.05
N SER K 260 7.04 -10.20 55.20
CA SER K 260 5.93 -9.47 55.82
C SER K 260 6.15 -9.28 57.31
N ARG K 261 6.68 -10.29 57.99
CA ARG K 261 6.81 -10.22 59.44
C ARG K 261 8.06 -9.47 59.89
N ALA K 262 9.12 -9.48 59.09
CA ALA K 262 10.38 -8.86 59.49
C ALA K 262 10.23 -7.35 59.61
N ASP K 263 10.97 -6.77 60.57
CA ASP K 263 10.98 -5.33 60.77
C ASP K 263 12.26 -4.66 60.29
N THR K 264 13.21 -5.43 59.76
CA THR K 264 14.45 -4.88 59.25
C THR K 264 14.91 -5.68 58.04
N ILE K 265 15.63 -5.01 57.13
CA ILE K 265 16.13 -5.61 55.90
C ILE K 265 17.59 -5.26 55.75
N LEU K 266 18.40 -6.25 55.36
CA LEU K 266 19.84 -6.06 55.15
C LEU K 266 20.21 -6.65 53.78
N CYS K 267 20.11 -5.83 52.73
CA CYS K 267 20.55 -6.26 51.42
C CYS K 267 22.07 -6.13 51.31
N LEU K 268 22.67 -7.06 50.58
CA LEU K 268 24.13 -7.07 50.39
C LEU K 268 24.46 -7.51 48.98
N GLY K 269 25.22 -6.69 48.27
CA GLY K 269 25.75 -7.06 46.97
C GLY K 269 24.71 -7.37 45.91
N SER K 270 23.70 -6.52 45.80
CA SER K 270 22.67 -6.70 44.79
C SER K 270 22.18 -5.33 44.33
N SER K 271 22.13 -5.13 43.01
CA SER K 271 21.70 -3.84 42.48
C SER K 271 20.20 -3.64 42.61
N LEU K 272 19.43 -4.71 42.86
CA LEU K 272 17.99 -4.62 43.08
C LEU K 272 17.26 -4.01 41.88
N LYS K 273 17.81 -4.15 40.69
CA LYS K 273 17.08 -3.75 39.49
C LYS K 273 16.09 -4.81 39.05
N VAL K 274 16.22 -6.04 39.54
CA VAL K 274 15.29 -7.11 39.26
C VAL K 274 14.41 -7.42 40.46
N LEU K 275 15.00 -7.46 41.66
CA LEU K 275 14.23 -7.75 42.87
C LEU K 275 13.23 -6.64 43.19
N LYS K 276 13.39 -5.47 42.60
CA LYS K 276 12.44 -4.38 42.81
C LYS K 276 11.10 -4.64 42.14
N LYS K 277 11.00 -5.64 41.27
CA LYS K 277 9.77 -5.93 40.56
C LYS K 277 8.84 -6.85 41.34
N TYR K 278 9.25 -7.30 42.52
CA TYR K 278 8.39 -8.13 43.36
C TYR K 278 7.82 -7.26 44.46
N PRO K 279 6.51 -6.96 44.46
CA PRO K 279 5.99 -6.02 45.46
C PRO K 279 5.99 -6.60 46.87
N ARG K 280 5.63 -7.87 47.03
CA ARG K 280 5.45 -8.43 48.37
C ARG K 280 6.77 -8.55 49.12
N LEU K 281 7.89 -8.66 48.41
CA LEU K 281 9.16 -8.83 49.08
C LEU K 281 9.58 -7.57 49.84
N TRP K 282 9.26 -6.40 49.32
CA TRP K 282 9.55 -5.14 50.00
C TRP K 282 8.41 -4.66 50.88
N CYS K 283 7.25 -5.33 50.84
CA CYS K 283 6.05 -4.90 51.56
C CYS K 283 5.69 -3.46 51.17
N MET K 284 5.45 -3.27 49.88
CA MET K 284 5.14 -1.93 49.38
C MET K 284 3.71 -1.50 49.72
N THR K 285 2.81 -2.43 50.02
CA THR K 285 1.47 -2.07 50.44
C THR K 285 1.46 -1.43 51.83
N LYS K 286 2.50 -1.65 52.62
CA LYS K 286 2.60 -1.04 53.94
C LYS K 286 2.82 0.46 53.80
N PRO K 287 2.32 1.25 54.75
CA PRO K 287 2.59 2.69 54.72
C PRO K 287 4.07 2.95 54.82
N PRO K 288 4.55 4.06 54.23
CA PRO K 288 6.01 4.29 54.17
C PRO K 288 6.68 4.31 55.53
N SER K 289 5.98 4.76 56.58
CA SER K 289 6.57 4.73 57.92
C SER K 289 6.66 3.31 58.46
N ARG K 290 5.72 2.44 58.09
CA ARG K 290 5.67 1.09 58.61
C ARG K 290 6.62 0.13 57.90
N ARG K 291 7.25 0.55 56.81
CA ARG K 291 8.12 -0.35 56.06
C ARG K 291 9.39 -0.64 56.86
N PRO K 292 9.91 -1.86 56.79
CA PRO K 292 11.16 -2.18 57.49
C PRO K 292 12.32 -1.36 56.95
N LYS K 293 13.28 -1.07 57.82
CA LYS K 293 14.42 -0.25 57.46
C LYS K 293 15.46 -1.09 56.75
N LEU K 294 15.94 -0.60 55.61
CA LEU K 294 16.86 -1.32 54.76
C LEU K 294 18.25 -0.68 54.79
N TYR K 295 19.27 -1.53 54.88
CA TYR K 295 20.67 -1.10 55.03
C TYR K 295 21.45 -1.70 53.87
N ILE K 296 21.48 -1.01 52.74
CA ILE K 296 22.11 -1.53 51.54
C ILE K 296 23.63 -1.48 51.67
N VAL K 297 24.29 -2.53 51.21
CA VAL K 297 25.77 -2.57 51.16
C VAL K 297 26.13 -3.03 49.75
N ASN K 298 26.34 -2.07 48.84
CA ASN K 298 26.78 -2.40 47.50
C ASN K 298 27.49 -1.21 46.89
N LEU K 299 28.37 -1.48 45.93
CA LEU K 299 29.23 -0.44 45.38
C LEU K 299 28.46 0.56 44.53
N GLN K 300 27.64 0.07 43.61
CA GLN K 300 26.92 0.96 42.69
C GLN K 300 25.72 1.58 43.37
N TRP K 301 24.87 2.24 42.59
CA TRP K 301 23.69 2.93 43.10
C TRP K 301 22.45 2.12 42.78
N THR K 302 21.61 1.93 43.80
CA THR K 302 20.39 1.15 43.68
C THR K 302 19.16 2.05 43.80
N PRO K 303 18.04 1.69 43.15
CA PRO K 303 16.86 2.57 43.17
C PRO K 303 16.19 2.68 44.54
N LYS K 304 16.59 1.88 45.53
CA LYS K 304 16.08 2.02 46.88
C LYS K 304 16.98 2.89 47.75
N ASP K 305 17.93 3.60 47.13
CA ASP K 305 18.94 4.30 47.90
C ASP K 305 18.34 5.40 48.77
N ASP K 306 17.39 6.16 48.22
CA ASP K 306 16.87 7.32 48.93
C ASP K 306 16.16 6.94 50.22
N TRP K 307 15.57 5.74 50.27
CA TRP K 307 14.87 5.29 51.46
C TRP K 307 15.75 4.49 52.40
N ALA K 308 17.04 4.36 52.10
CA ALA K 308 17.94 3.61 52.96
C ALA K 308 18.09 4.29 54.32
N ALA K 309 18.00 3.49 55.39
CA ALA K 309 18.28 4.03 56.72
C ALA K 309 19.71 4.51 56.83
N LEU K 310 20.66 3.68 56.39
CA LEU K 310 22.05 4.10 56.27
C LEU K 310 22.74 3.16 55.29
N LYS K 311 23.05 3.66 54.10
CA LYS K 311 23.74 2.87 53.10
C LYS K 311 25.24 2.84 53.37
N LEU K 312 25.86 1.72 53.06
CA LEU K 312 27.30 1.54 53.18
C LEU K 312 27.88 1.26 51.80
N HIS K 313 29.02 1.86 51.51
CA HIS K 313 29.72 1.66 50.25
C HIS K 313 31.03 0.93 50.51
N GLY K 314 31.23 -0.18 49.84
CA GLY K 314 32.43 -0.97 50.03
C GLY K 314 32.15 -2.43 49.76
N LYS K 315 33.24 -3.21 49.73
CA LYS K 315 33.12 -4.64 49.54
C LYS K 315 32.39 -5.27 50.72
N CYS K 316 31.42 -6.14 50.42
CA CYS K 316 30.61 -6.73 51.48
C CYS K 316 31.41 -7.70 52.32
N ASP K 317 32.47 -8.29 51.77
CA ASP K 317 33.29 -9.21 52.54
C ASP K 317 33.97 -8.50 53.71
N ASP K 318 34.60 -7.35 53.44
CA ASP K 318 35.22 -6.59 54.51
C ASP K 318 34.20 -6.08 55.52
N VAL K 319 33.04 -5.64 55.03
CA VAL K 319 32.01 -5.12 55.93
C VAL K 319 31.52 -6.22 56.86
N MET K 320 31.30 -7.42 56.33
CA MET K 320 30.85 -8.53 57.16
C MET K 320 31.93 -8.97 58.14
N ARG K 321 33.19 -8.96 57.71
CA ARG K 321 34.28 -9.29 58.63
C ARG K 321 34.34 -8.28 59.77
N LEU K 322 34.19 -7.00 59.46
CA LEU K 322 34.23 -5.97 60.49
C LEU K 322 33.01 -6.06 61.41
N LEU K 323 31.85 -6.43 60.85
CA LEU K 323 30.68 -6.66 61.68
C LEU K 323 30.92 -7.79 62.67
N MET K 324 31.50 -8.89 62.19
CA MET K 324 31.79 -10.02 63.07
C MET K 324 32.79 -9.62 64.15
N ALA K 325 33.82 -8.85 63.78
CA ALA K 325 34.78 -8.38 64.76
C ALA K 325 34.12 -7.47 65.79
N GLU K 326 33.22 -6.59 65.36
CA GLU K 326 32.51 -5.71 66.28
C GLU K 326 31.65 -6.50 67.24
N LEU K 327 30.92 -7.49 66.75
CA LEU K 327 30.10 -8.33 67.61
C LEU K 327 30.91 -9.41 68.33
N GLY K 328 32.18 -9.58 67.98
CA GLY K 328 33.01 -10.60 68.58
C GLY K 328 32.79 -11.99 68.04
N LEU K 329 31.95 -12.16 67.02
CA LEU K 329 31.68 -13.47 66.47
C LEU K 329 32.90 -14.02 65.74
N GLU K 330 33.06 -15.34 65.79
CA GLU K 330 34.22 -15.99 65.23
C GLU K 330 34.11 -16.05 63.70
N ILE K 331 35.12 -16.65 63.07
CA ILE K 331 35.20 -16.73 61.62
C ILE K 331 35.14 -18.19 61.19
N PRO K 332 33.97 -18.69 60.76
CA PRO K 332 33.90 -20.05 60.23
C PRO K 332 34.83 -20.21 59.02
N ALA K 333 35.48 -21.36 58.95
CA ALA K 333 36.42 -21.65 57.88
C ALA K 333 35.88 -22.78 57.02
N TYR K 334 35.89 -22.60 55.71
CA TYR K 334 35.40 -23.59 54.78
C TYR K 334 36.50 -24.57 54.40
N SER K 335 36.13 -25.84 54.30
CA SER K 335 37.05 -26.89 53.88
C SER K 335 36.38 -27.72 52.79
N ARG K 336 37.19 -28.23 51.86
CA ARG K 336 36.67 -28.99 50.74
C ARG K 336 36.05 -30.32 51.18
N TRP K 337 36.29 -30.77 52.40
CA TRP K 337 35.64 -31.94 52.97
C TRP K 337 34.39 -31.59 53.75
N GLN K 338 34.02 -30.31 53.82
CA GLN K 338 32.86 -29.87 54.57
C GLN K 338 31.60 -29.71 53.72
N ASP K 339 31.68 -30.03 52.43
CA ASP K 339 30.53 -29.87 51.55
C ASP K 339 29.45 -30.89 51.89
N PRO K 340 28.22 -30.46 52.22
CA PRO K 340 27.15 -31.42 52.46
C PRO K 340 26.51 -31.96 51.18
N ILE K 341 26.87 -31.44 50.02
CA ILE K 341 26.27 -31.90 48.77
C ILE K 341 26.67 -33.34 48.48
N PHE K 342 27.90 -33.74 48.84
CA PHE K 342 28.34 -35.11 48.60
C PHE K 342 27.50 -36.10 49.40
N SER K 343 27.19 -35.77 50.65
CA SER K 343 26.37 -36.64 51.47
C SER K 343 24.94 -36.73 50.93
N LEU K 344 24.40 -35.61 50.45
CA LEU K 344 23.02 -35.54 50.00
C LEU K 344 22.85 -35.83 48.52
N ALA K 345 23.94 -36.13 47.79
CA ALA K 345 23.85 -36.39 46.37
C ALA K 345 23.14 -37.72 46.13
N THR K 346 22.07 -37.69 45.36
CA THR K 346 21.34 -38.91 45.03
C THR K 346 22.12 -39.71 43.99
N PRO K 347 22.40 -40.99 44.25
CA PRO K 347 23.13 -41.79 43.26
C PRO K 347 22.36 -41.91 41.96
N LEU K 348 23.09 -41.91 40.85
CA LEU K 348 22.49 -41.94 39.53
C LEU K 348 22.30 -43.38 39.05
N ARG K 349 21.33 -43.57 38.17
CA ARG K 349 21.11 -44.87 37.56
C ARG K 349 22.32 -45.29 36.74
N ALA K 350 22.63 -46.58 36.77
CA ALA K 350 23.82 -47.09 36.10
C ALA K 350 23.75 -46.82 34.60
N GLY K 351 24.86 -46.31 34.05
CA GLY K 351 24.95 -46.00 32.64
C GLY K 351 24.48 -44.60 32.26
N GLU K 352 23.90 -43.85 33.19
CA GLU K 352 23.41 -42.51 32.92
C GLU K 352 24.44 -41.44 33.22
N GLU K 353 25.60 -41.80 33.77
CA GLU K 353 26.59 -40.80 34.15
C GLU K 353 27.26 -40.16 32.94
N GLY K 354 27.45 -40.91 31.85
CA GLY K 354 28.22 -40.42 30.72
C GLY K 354 27.52 -39.35 29.90
N SER K 355 26.23 -39.10 30.13
CA SER K 355 25.53 -38.09 29.34
C SER K 355 26.08 -36.69 29.60
N HIS K 356 26.34 -36.35 30.86
CA HIS K 356 26.83 -35.03 31.20
C HIS K 356 28.28 -34.86 30.79
N SER K 357 28.67 -33.62 30.50
CA SER K 357 30.00 -33.30 30.00
C SER K 357 30.60 -32.14 30.77
N ARG K 358 30.57 -32.21 32.08
CA ARG K 358 31.17 -31.20 32.95
C ARG K 358 32.11 -31.88 33.94
N LYS K 359 32.67 -31.07 34.84
CA LYS K 359 33.58 -31.57 35.87
C LYS K 359 32.78 -31.81 37.14
N SER K 360 32.81 -33.05 37.62
CA SER K 360 32.08 -33.41 38.82
C SER K 360 32.79 -32.87 40.06
N LEU K 361 32.07 -32.89 41.19
CA LEU K 361 32.58 -32.40 42.46
C LEU K 361 32.92 -33.57 43.36
N CYS K 362 34.10 -33.54 43.97
CA CYS K 362 34.60 -34.63 44.79
C CYS K 362 35.14 -34.09 46.09
N ARG K 363 35.17 -34.96 47.10
CA ARG K 363 35.71 -34.61 48.41
C ARG K 363 37.20 -34.89 48.45
#